data_2WU4
#
_entry.id   2WU4
#
_cell.length_a   79.740
_cell.length_b   112.700
_cell.length_c   226.690
_cell.angle_alpha   90.00
_cell.angle_beta   90.00
_cell.angle_gamma   90.00
#
_symmetry.space_group_name_H-M   'P 21 21 21'
#
loop_
_entity.id
_entity.type
_entity.pdbx_description
1 polymer ACETYLCHOLINESTERASE
2 non-polymer 2-acetamido-2-deoxy-beta-D-glucopyranose
3 non-polymer "1,7-HEPTYLENE-BIS-N,N'-SYN-2-PYRIDINIUMALDOXIME"
4 non-polymer 'HEXAETHYLENE GLYCOL'
5 water water
#
_entity_poly.entity_id   1
_entity_poly.type   'polypeptide(L)'
_entity_poly.pdbx_seq_one_letter_code
;EGREDPQLLVRVRGGQLRGIRLKAPGGPVSAFLGIPFAEPPVGSRRFMPPEPKRPWSGVLDATTFQNVCYQYVDTLYPGF
EGTEMWNPNRELSEDCLYLNVWTPYPRPASPTPVLIWIYGGGFYSGAASLDVYDGRFLAQVEGAVLVSMNYRVGTFGFLA
LPGSREAPGNVGLLDQRLALQWVQENIAAFGGDPMSVTLFGE(SXE)AGAASVGMHILSLPSRSLFHRAVLQSGTPNGPW
ATVSAGEARRRATLLARLVGCPPGGAGGNDTELIACLRTRPAQDLVDHEWHVLPQESIFRFSFVPVVDGDFLSDTPEALI
NTGDFQDLQVLVGVVKDEGSYFLVYGVPGFSKDNESLISRAQFLAGVRIGVPQASDLAAEAVVLHYTDWLHPEDPTHLRD
AMSAVVGDHNVVCPVAQLAGRLAAQGARVYAYIFEHRASTLTWPLWMGVPHGYEIEFIFGLPLDPSLNYTTEERIFAQRL
MKYWTNFARTGDPNDPRDSKSPQWPPYTTAAQQYVSLNLKPLEVRRGLRAQTCAFWNRFLPKLLSATATEAP
;
_entity_poly.pdbx_strand_id   A,B
#
loop_
_chem_comp.id
_chem_comp.type
_chem_comp.name
_chem_comp.formula
HBP non-polymer 1,7-HEPTYLENE-BIS-N,N'-SYN-2-PYRIDINIUMALDOXIME 'C19 H26 N4 O2 2'
NAG D-saccharide, beta linking 2-acetamido-2-deoxy-beta-D-glucopyranose 'C8 H15 N O6'
P6G non-polymer 'HEXAETHYLENE GLYCOL' 'C12 H26 O7'
#
# COMPACT_ATOMS: atom_id res chain seq x y z
N GLU A 1 -49.81 -0.60 47.75
CA GLU A 1 -48.63 -1.13 48.42
C GLU A 1 -48.98 -1.49 49.84
N GLY A 2 -47.96 -1.72 50.66
CA GLY A 2 -48.19 -2.09 52.05
C GLY A 2 -47.22 -3.19 52.41
N ARG A 3 -47.20 -4.23 51.57
CA ARG A 3 -46.44 -5.44 51.87
C ARG A 3 -45.25 -5.65 50.93
N GLU A 4 -45.13 -4.79 49.93
CA GLU A 4 -44.10 -4.94 48.93
C GLU A 4 -42.80 -4.35 49.41
N ASP A 5 -41.73 -4.67 48.71
CA ASP A 5 -40.40 -4.22 49.07
C ASP A 5 -40.32 -2.74 48.76
N PRO A 6 -40.22 -1.90 49.79
CA PRO A 6 -40.13 -0.43 49.65
C PRO A 6 -39.08 0.04 48.65
N GLN A 7 -38.04 -0.74 48.38
CA GLN A 7 -37.06 -0.31 47.39
C GLN A 7 -37.49 -0.43 45.93
N LEU A 8 -38.56 -1.18 45.67
CA LEU A 8 -39.02 -1.41 44.30
C LEU A 8 -40.15 -0.52 43.83
N LEU A 9 -40.59 0.42 44.67
CA LEU A 9 -41.66 1.37 44.29
C LEU A 9 -41.11 2.73 43.93
N VAL A 10 -41.33 3.16 42.70
CA VAL A 10 -40.76 4.41 42.22
C VAL A 10 -41.77 5.14 41.36
N ARG A 11 -41.77 6.45 41.46
CA ARG A 11 -42.63 7.26 40.61
C ARG A 11 -41.83 8.01 39.54
N VAL A 12 -42.26 7.91 38.29
CA VAL A 12 -41.67 8.75 37.27
C VAL A 12 -42.75 9.70 36.73
N ARG A 13 -42.38 10.56 35.80
CA ARG A 13 -43.31 11.56 35.26
C ARG A 13 -44.61 10.97 34.78
N GLY A 14 -44.58 9.75 34.25
CA GLY A 14 -45.78 9.17 33.71
C GLY A 14 -46.63 8.43 34.72
N GLY A 15 -46.10 8.21 35.92
CA GLY A 15 -46.81 7.41 36.89
C GLY A 15 -45.92 6.53 37.76
N GLN A 16 -46.56 5.62 38.48
CA GLN A 16 -45.90 4.74 39.45
C GLN A 16 -45.42 3.42 38.85
N LEU A 17 -44.31 2.90 39.35
CA LEU A 17 -43.70 1.70 38.79
C LEU A 17 -43.40 0.70 39.89
N ARG A 18 -43.57 -0.56 39.59
CA ARG A 18 -43.09 -1.58 40.51
C ARG A 18 -42.01 -2.31 39.75
N GLY A 19 -40.81 -2.29 40.28
CA GLY A 19 -39.70 -3.01 39.71
C GLY A 19 -39.51 -4.32 40.44
N ILE A 20 -38.41 -5.00 40.12
CA ILE A 20 -38.15 -6.31 40.69
C ILE A 20 -36.73 -6.40 41.23
N ARG A 21 -36.59 -7.15 42.32
CA ARG A 21 -35.28 -7.38 42.94
C ARG A 21 -34.63 -8.57 42.23
N LEU A 22 -33.49 -8.35 41.62
CA LEU A 22 -32.79 -9.43 40.90
C LEU A 22 -31.49 -9.81 41.56
N LYS A 23 -31.09 -11.07 41.38
CA LYS A 23 -29.85 -11.53 41.96
C LYS A 23 -28.70 -11.35 40.98
N ALA A 24 -27.62 -10.73 41.45
CA ALA A 24 -26.37 -10.68 40.73
C ALA A 24 -25.34 -11.42 41.57
N PRO A 25 -24.27 -11.93 40.93
CA PRO A 25 -23.30 -12.76 41.69
C PRO A 25 -22.90 -12.15 43.04
N GLY A 26 -22.61 -10.86 43.11
CA GLY A 26 -22.16 -10.25 44.34
C GLY A 26 -23.23 -9.72 45.28
N GLY A 27 -24.50 -9.85 44.86
CA GLY A 27 -25.65 -9.40 45.62
C GLY A 27 -26.79 -8.87 44.73
N PRO A 28 -27.87 -8.36 45.36
CA PRO A 28 -29.06 -7.94 44.64
C PRO A 28 -28.90 -6.61 43.89
N VAL A 29 -29.69 -6.44 42.83
CA VAL A 29 -29.85 -5.16 42.13
C VAL A 29 -31.35 -4.90 41.91
N SER A 30 -31.70 -3.64 41.69
CA SER A 30 -33.06 -3.27 41.35
C SER A 30 -33.20 -3.22 39.83
N ALA A 31 -34.19 -3.90 39.27
CA ALA A 31 -34.46 -3.74 37.83
C ALA A 31 -35.85 -3.18 37.61
N PHE A 32 -35.94 -2.18 36.73
CA PHE A 32 -37.23 -1.69 36.23
C PHE A 32 -37.31 -1.93 34.73
N LEU A 33 -38.06 -2.97 34.37
CA LEU A 33 -38.07 -3.45 32.99
C LEU A 33 -39.36 -3.11 32.30
N GLY A 34 -39.26 -2.70 31.03
CA GLY A 34 -40.45 -2.47 30.23
C GLY A 34 -41.21 -1.21 30.56
N ILE A 35 -40.52 -0.09 30.80
CA ILE A 35 -41.20 1.17 31.12
C ILE A 35 -41.49 1.87 29.80
N PRO A 36 -42.75 2.22 29.57
CA PRO A 36 -43.08 2.83 28.27
C PRO A 36 -42.53 4.24 28.27
N PHE A 37 -41.95 4.72 27.16
CA PHE A 37 -41.51 6.10 27.07
C PHE A 37 -42.17 6.84 25.89
N ALA A 38 -43.02 6.13 25.14
CA ALA A 38 -43.73 6.70 23.99
C ALA A 38 -45.12 6.13 23.86
N GLU A 39 -45.98 6.85 23.16
CA GLU A 39 -47.19 6.23 22.69
C GLU A 39 -46.85 5.14 21.70
N PRO A 40 -47.50 3.99 21.81
CA PRO A 40 -47.19 2.89 20.90
C PRO A 40 -47.33 3.39 19.46
N PRO A 41 -46.24 3.30 18.69
CA PRO A 41 -46.21 3.89 17.35
C PRO A 41 -46.97 2.99 16.35
N VAL A 42 -48.19 2.63 16.70
CA VAL A 42 -48.96 1.70 15.88
C VAL A 42 -50.02 2.43 15.02
N GLY A 43 -50.58 1.72 14.04
CA GLY A 43 -51.71 2.25 13.30
C GLY A 43 -51.26 3.49 12.55
N SER A 44 -51.99 4.58 12.74
CA SER A 44 -51.69 5.82 12.02
C SER A 44 -50.33 6.43 12.39
N ARG A 45 -49.75 5.94 13.46
CA ARG A 45 -48.48 6.44 13.94
C ARG A 45 -47.26 5.72 13.33
N ARG A 46 -47.49 4.66 12.57
CA ARG A 46 -46.36 3.97 11.92
C ARG A 46 -45.58 4.94 10.99
N PHE A 47 -44.26 4.85 11.02
CA PHE A 47 -43.36 5.76 10.29
C PHE A 47 -43.27 7.16 10.87
N MET A 48 -44.12 7.48 11.86
CA MET A 48 -44.09 8.81 12.50
C MET A 48 -43.11 8.97 13.70
N PRO A 49 -42.67 10.21 13.93
CA PRO A 49 -41.93 10.54 15.16
C PRO A 49 -42.63 9.94 16.39
N PRO A 50 -41.84 9.60 17.42
CA PRO A 50 -42.50 9.06 18.59
C PRO A 50 -43.17 10.21 19.34
N GLU A 51 -44.39 10.01 19.81
CA GLU A 51 -44.97 10.93 20.79
C GLU A 51 -44.71 10.45 22.21
N PRO A 52 -44.44 11.39 23.12
CA PRO A 52 -44.14 10.99 24.51
C PRO A 52 -45.33 10.26 25.11
N LYS A 53 -45.04 9.24 25.89
CA LYS A 53 -46.07 8.43 26.55
C LYS A 53 -46.97 9.23 27.50
N ARG A 54 -48.27 9.03 27.38
CA ARG A 54 -49.22 9.70 28.25
C ARG A 54 -49.26 8.99 29.60
N PRO A 55 -49.39 9.79 30.69
CA PRO A 55 -49.41 9.22 32.04
C PRO A 55 -50.44 8.13 32.19
N TRP A 56 -50.10 7.13 32.98
CA TRP A 56 -51.00 6.02 33.25
C TRP A 56 -51.55 6.13 34.65
N SER A 57 -52.49 5.25 34.97
CA SER A 57 -52.96 5.26 36.34
C SER A 57 -52.56 3.96 37.00
N GLY A 58 -52.44 4.00 38.32
CA GLY A 58 -52.05 2.81 39.06
C GLY A 58 -50.56 2.55 38.98
N VAL A 59 -50.17 1.37 39.44
CA VAL A 59 -48.76 1.02 39.52
C VAL A 59 -48.46 0.13 38.34
N LEU A 60 -47.70 0.65 37.39
CA LEU A 60 -47.32 -0.11 36.22
C LEU A 60 -46.34 -1.20 36.64
N ASP A 61 -46.63 -2.44 36.27
CA ASP A 61 -45.68 -3.50 36.57
C ASP A 61 -44.44 -3.40 35.66
N ALA A 62 -43.26 -3.24 36.26
CA ALA A 62 -42.02 -3.09 35.52
C ALA A 62 -41.06 -4.22 35.86
N THR A 63 -41.55 -5.45 35.76
CA THR A 63 -40.79 -6.59 36.23
C THR A 63 -40.36 -7.53 35.11
N THR A 64 -40.73 -7.24 33.89
CA THR A 64 -40.34 -8.08 32.77
C THR A 64 -40.05 -7.27 31.52
N PHE A 65 -39.19 -7.81 30.67
CA PHE A 65 -38.96 -7.20 29.39
C PHE A 65 -40.23 -7.09 28.56
N GLN A 66 -40.32 -5.99 27.84
CA GLN A 66 -41.43 -5.73 26.97
C GLN A 66 -41.14 -6.26 25.55
N ASN A 67 -42.13 -6.12 24.68
CA ASN A 67 -41.97 -6.52 23.30
C ASN A 67 -40.67 -6.05 22.64
N VAL A 68 -40.22 -6.83 21.69
CA VAL A 68 -39.17 -6.47 20.76
C VAL A 68 -39.79 -5.83 19.51
N CYS A 69 -39.13 -4.78 19.02
CA CYS A 69 -39.62 -4.06 17.85
C CYS A 69 -39.66 -4.99 16.64
N TYR A 70 -40.71 -4.85 15.85
CA TYR A 70 -40.90 -5.72 14.71
C TYR A 70 -39.65 -5.80 13.81
N GLN A 71 -39.22 -7.02 13.48
CA GLN A 71 -37.98 -7.17 12.70
C GLN A 71 -37.77 -8.55 12.05
N TYR A 72 -36.91 -8.56 11.04
CA TYR A 72 -36.46 -9.80 10.45
C TYR A 72 -35.78 -10.67 11.53
N VAL A 73 -36.04 -11.97 11.49
CA VAL A 73 -35.38 -12.91 12.40
C VAL A 73 -34.39 -13.81 11.62
N ASP A 74 -33.13 -13.81 12.07
CA ASP A 74 -32.06 -14.55 11.41
C ASP A 74 -32.31 -16.03 11.50
N THR A 75 -32.37 -16.68 10.35
CA THR A 75 -32.53 -18.13 10.34
C THR A 75 -31.41 -18.85 9.62
N LEU A 76 -30.21 -18.26 9.60
CA LEU A 76 -29.05 -18.86 8.93
C LEU A 76 -28.57 -20.16 9.54
N TYR A 77 -28.58 -20.27 10.87
CA TYR A 77 -28.21 -21.55 11.47
C TYR A 77 -29.10 -21.91 12.64
N PRO A 78 -30.25 -22.50 12.33
CA PRO A 78 -31.27 -22.99 13.27
C PRO A 78 -30.66 -23.81 14.41
N GLY A 79 -30.92 -23.40 15.64
CA GLY A 79 -30.40 -24.10 16.80
C GLY A 79 -29.05 -23.57 17.27
N PHE A 80 -28.38 -22.81 16.42
CA PHE A 80 -27.00 -22.44 16.68
C PHE A 80 -26.92 -21.24 17.63
N GLU A 81 -26.33 -21.46 18.79
CA GLU A 81 -26.18 -20.41 19.79
C GLU A 81 -25.65 -19.12 19.15
N GLY A 82 -24.65 -19.25 18.29
CA GLY A 82 -23.96 -18.12 17.73
C GLY A 82 -24.85 -17.17 16.98
N THR A 83 -25.90 -17.70 16.34
CA THR A 83 -26.89 -16.82 15.72
C THR A 83 -28.05 -16.51 16.68
N GLU A 84 -28.50 -17.51 17.42
CA GLU A 84 -29.68 -17.38 18.27
C GLU A 84 -29.54 -16.32 19.34
N MET A 85 -28.33 -16.14 19.86
CA MET A 85 -28.19 -15.27 21.01
C MET A 85 -28.53 -13.83 20.61
N TRP A 86 -28.56 -13.56 19.32
CA TRP A 86 -28.84 -12.21 18.83
C TRP A 86 -30.30 -12.04 18.45
N ASN A 87 -31.04 -13.14 18.42
CA ASN A 87 -32.43 -13.17 17.96
C ASN A 87 -33.43 -12.61 18.99
N PRO A 88 -34.58 -12.11 18.54
CA PRO A 88 -35.51 -11.54 19.54
C PRO A 88 -35.89 -12.56 20.62
N ASN A 89 -35.96 -12.13 21.89
CA ASN A 89 -36.28 -13.04 22.98
C ASN A 89 -37.62 -12.71 23.67
N ARG A 90 -38.35 -11.77 23.10
CA ARG A 90 -39.73 -11.45 23.52
C ARG A 90 -40.58 -11.40 22.26
N GLU A 91 -41.88 -11.25 22.39
CA GLU A 91 -42.76 -11.17 21.23
C GLU A 91 -42.45 -9.96 20.29
N LEU A 92 -42.53 -10.19 18.96
CA LEU A 92 -42.38 -9.10 18.01
C LEU A 92 -43.62 -8.27 18.01
N SER A 93 -43.48 -6.95 18.07
CA SER A 93 -44.65 -6.09 18.01
C SER A 93 -44.28 -4.67 17.61
N GLU A 94 -45.19 -3.99 16.96
CA GLU A 94 -44.94 -2.60 16.68
C GLU A 94 -45.02 -1.78 17.96
N ASP A 95 -45.76 -2.33 18.94
CA ASP A 95 -45.88 -1.72 20.26
C ASP A 95 -44.67 -2.13 21.12
N CYS A 96 -43.60 -1.37 21.03
CA CYS A 96 -42.29 -1.83 21.47
C CYS A 96 -41.42 -0.73 22.06
N LEU A 97 -41.97 0.46 22.19
CA LEU A 97 -41.19 1.57 22.73
C LEU A 97 -41.22 1.51 24.28
N TYR A 98 -40.27 0.76 24.85
CA TYR A 98 -40.09 0.59 26.29
C TYR A 98 -38.62 0.68 26.58
N LEU A 99 -38.27 1.07 27.79
CA LEU A 99 -36.88 1.05 28.20
C LEU A 99 -36.71 0.32 29.54
N ASN A 100 -35.46 0.09 29.91
CA ASN A 100 -35.14 -0.70 31.07
C ASN A 100 -34.12 0.07 31.89
N VAL A 101 -34.20 -0.06 33.21
CA VAL A 101 -33.29 0.58 34.12
C VAL A 101 -32.80 -0.43 35.16
N TRP A 102 -31.50 -0.53 35.34
CA TRP A 102 -30.91 -1.28 36.46
C TRP A 102 -30.23 -0.31 37.43
N THR A 103 -30.44 -0.49 38.73
CA THR A 103 -29.78 0.38 39.70
C THR A 103 -29.29 -0.47 40.83
N PRO A 104 -28.31 0.02 41.59
CA PRO A 104 -27.90 -0.72 42.78
C PRO A 104 -29.07 -0.99 43.70
N TYR A 105 -28.90 -1.93 44.62
CA TYR A 105 -29.95 -2.21 45.58
C TYR A 105 -29.32 -2.29 46.96
N PRO A 106 -29.80 -1.47 47.91
CA PRO A 106 -30.78 -0.37 47.76
C PRO A 106 -30.25 0.73 46.86
N ARG A 107 -31.15 1.57 46.31
CA ARG A 107 -30.75 2.58 45.34
C ARG A 107 -29.75 3.51 45.98
N PRO A 108 -28.79 4.02 45.20
CA PRO A 108 -27.76 4.89 45.82
C PRO A 108 -28.35 6.16 46.43
N ALA A 109 -27.84 6.61 47.56
CA ALA A 109 -28.31 7.86 48.17
C ALA A 109 -27.80 9.15 47.48
N SER A 110 -26.61 9.11 46.88
CA SER A 110 -26.13 10.26 46.14
C SER A 110 -26.20 9.94 44.65
N PRO A 111 -26.32 10.97 43.81
CA PRO A 111 -26.57 10.75 42.38
C PRO A 111 -25.42 9.97 41.74
N THR A 112 -25.77 8.99 40.91
CA THR A 112 -24.81 8.10 40.31
C THR A 112 -24.75 8.27 38.79
N PRO A 113 -23.56 8.13 38.22
CA PRO A 113 -23.40 8.24 36.77
C PRO A 113 -24.25 7.24 36.01
N VAL A 114 -24.87 7.71 34.93
CA VAL A 114 -25.77 6.91 34.14
C VAL A 114 -25.12 6.48 32.82
N LEU A 115 -25.24 5.20 32.52
CA LEU A 115 -24.82 4.64 31.26
C LEU A 115 -26.06 4.26 30.47
N ILE A 116 -26.15 4.73 29.23
CA ILE A 116 -27.26 4.33 28.35
C ILE A 116 -26.72 3.49 27.17
N TRP A 117 -27.24 2.27 27.05
CA TRP A 117 -26.89 1.38 25.97
C TRP A 117 -27.79 1.53 24.76
N ILE A 118 -27.17 1.65 23.59
CA ILE A 118 -27.95 1.56 22.37
C ILE A 118 -27.53 0.36 21.50
N TYR A 119 -28.33 -0.68 21.47
CA TYR A 119 -27.93 -1.88 20.73
C TYR A 119 -27.69 -1.68 19.23
N GLY A 120 -26.94 -2.61 18.63
CA GLY A 120 -26.77 -2.67 17.19
C GLY A 120 -27.67 -3.73 16.54
N GLY A 121 -27.36 -4.13 15.30
CA GLY A 121 -28.22 -5.02 14.54
C GLY A 121 -28.54 -4.45 13.15
N GLY A 122 -27.58 -3.70 12.62
CA GLY A 122 -27.60 -3.17 11.27
C GLY A 122 -28.77 -2.21 10.98
N PHE A 123 -29.47 -1.75 12.02
CA PHE A 123 -30.66 -0.93 11.87
C PHE A 123 -31.87 -1.75 11.37
N TYR A 124 -31.73 -3.08 11.31
CA TYR A 124 -32.86 -3.95 10.93
C TYR A 124 -33.18 -4.93 12.06
N SER A 125 -32.48 -4.84 13.18
CA SER A 125 -32.72 -5.82 14.24
C SER A 125 -32.12 -5.36 15.56
N GLY A 126 -32.30 -6.14 16.60
CA GLY A 126 -31.77 -5.77 17.90
C GLY A 126 -32.86 -5.59 18.94
N ALA A 127 -32.45 -5.63 20.20
CA ALA A 127 -33.38 -5.57 21.32
C ALA A 127 -32.61 -5.34 22.62
N ALA A 128 -33.14 -4.53 23.52
CA ALA A 128 -32.43 -4.20 24.75
C ALA A 128 -32.50 -5.31 25.80
N SER A 129 -33.25 -6.36 25.48
CA SER A 129 -33.56 -7.44 26.42
C SER A 129 -32.74 -8.71 26.18
N LEU A 130 -31.86 -8.71 25.18
CA LEU A 130 -30.94 -9.82 24.98
C LEU A 130 -30.07 -9.99 26.21
N ASP A 131 -29.77 -11.25 26.54
CA ASP A 131 -28.86 -11.59 27.63
C ASP A 131 -27.52 -10.85 27.65
N VAL A 132 -26.89 -10.64 26.51
CA VAL A 132 -25.59 -9.97 26.53
C VAL A 132 -25.68 -8.52 26.88
N TYR A 133 -26.89 -7.96 26.92
CA TYR A 133 -27.04 -6.56 27.39
C TYR A 133 -27.54 -6.44 28.85
N ASP A 134 -27.46 -7.53 29.61
CA ASP A 134 -27.89 -7.54 31.01
C ASP A 134 -27.18 -6.48 31.91
N GLY A 135 -27.95 -5.51 32.40
CA GLY A 135 -27.38 -4.39 33.14
C GLY A 135 -27.01 -4.78 34.56
N ARG A 136 -27.37 -6.00 34.98
CA ARG A 136 -27.26 -6.31 36.41
C ARG A 136 -25.84 -6.20 36.98
N PHE A 137 -24.83 -6.59 36.22
CA PHE A 137 -23.46 -6.69 36.72
C PHE A 137 -22.80 -5.31 36.88
N LEU A 138 -22.99 -4.47 35.88
CA LEU A 138 -22.53 -3.11 35.95
C LEU A 138 -23.17 -2.38 37.14
N ALA A 139 -24.47 -2.57 37.35
CA ALA A 139 -25.15 -1.99 38.50
C ALA A 139 -24.61 -2.53 39.83
N GLN A 140 -24.49 -3.86 39.94
CA GLN A 140 -24.11 -4.44 41.21
C GLN A 140 -22.63 -4.19 41.52
N VAL A 141 -21.77 -4.43 40.55
CA VAL A 141 -20.34 -4.33 40.80
C VAL A 141 -19.78 -2.91 40.78
N GLU A 142 -20.27 -2.05 39.89
CA GLU A 142 -19.76 -0.70 39.74
C GLU A 142 -20.71 0.38 40.29
N GLY A 143 -21.82 -0.05 40.87
CA GLY A 143 -22.82 0.92 41.32
C GLY A 143 -23.40 1.81 40.22
N ALA A 144 -23.30 1.40 38.96
CA ALA A 144 -23.84 2.24 37.85
C ALA A 144 -25.36 2.20 37.77
N VAL A 145 -25.94 3.27 37.23
CA VAL A 145 -27.32 3.19 36.76
C VAL A 145 -27.27 2.95 35.26
N LEU A 146 -27.80 1.80 34.85
CA LEU A 146 -27.76 1.43 33.46
C LEU A 146 -29.17 1.49 32.84
N VAL A 147 -29.24 2.04 31.65
CA VAL A 147 -30.52 2.23 30.99
C VAL A 147 -30.38 1.72 29.57
N SER A 148 -31.37 1.01 29.09
CA SER A 148 -31.34 0.64 27.68
C SER A 148 -32.75 0.75 27.17
N MET A 149 -32.87 1.05 25.88
CA MET A 149 -34.19 1.29 25.31
C MET A 149 -34.38 0.52 24.00
N ASN A 150 -35.60 0.11 23.71
CA ASN A 150 -35.91 -0.38 22.37
C ASN A 150 -36.14 0.83 21.46
N TYR A 151 -35.64 0.76 20.22
CA TYR A 151 -36.02 1.75 19.23
C TYR A 151 -36.42 1.03 17.95
N ARG A 152 -37.26 1.68 17.15
CA ARG A 152 -37.75 1.03 15.92
C ARG A 152 -36.63 0.76 14.91
N VAL A 153 -36.67 -0.43 14.30
CA VAL A 153 -35.69 -0.80 13.28
C VAL A 153 -36.41 -1.12 11.99
N GLY A 154 -35.63 -1.38 10.93
CA GLY A 154 -36.18 -1.68 9.64
C GLY A 154 -37.00 -0.51 9.09
N THR A 155 -38.02 -0.87 8.32
CA THR A 155 -38.89 0.12 7.70
C THR A 155 -39.57 0.94 8.78
N PHE A 156 -40.01 0.28 9.85
CA PHE A 156 -40.69 0.97 10.95
C PHE A 156 -39.84 2.09 11.52
N GLY A 157 -38.53 1.89 11.60
CA GLY A 157 -37.68 2.94 12.16
C GLY A 157 -37.08 3.90 11.14
N PHE A 158 -37.02 3.51 9.86
CA PHE A 158 -36.15 4.22 8.93
C PHE A 158 -36.67 4.42 7.53
N LEU A 159 -37.80 3.81 7.19
CA LEU A 159 -38.37 4.16 5.91
C LEU A 159 -38.66 5.65 5.87
N ALA A 160 -38.21 6.30 4.81
CA ALA A 160 -38.31 7.73 4.72
C ALA A 160 -38.75 8.19 3.33
N LEU A 161 -39.74 9.07 3.29
CA LEU A 161 -39.99 9.86 2.09
C LEU A 161 -39.58 11.26 2.43
N PRO A 162 -38.28 11.55 2.30
CA PRO A 162 -37.70 12.79 2.81
C PRO A 162 -38.52 14.01 2.36
N GLY A 163 -38.98 14.81 3.33
CA GLY A 163 -39.78 15.97 2.99
C GLY A 163 -41.25 15.78 3.34
N SER A 164 -41.70 14.54 3.43
CA SER A 164 -43.09 14.29 3.79
C SER A 164 -43.26 14.58 5.25
N ARG A 165 -44.51 14.74 5.67
CA ARG A 165 -44.78 14.93 7.09
C ARG A 165 -45.03 13.56 7.71
N GLU A 166 -45.54 12.64 6.90
CA GLU A 166 -45.97 11.33 7.38
C GLU A 166 -44.85 10.30 7.53
N ALA A 167 -43.71 10.53 6.89
CA ALA A 167 -42.58 9.61 6.93
C ALA A 167 -41.26 10.36 6.72
N PRO A 168 -40.86 11.17 7.71
CA PRO A 168 -39.75 12.13 7.55
C PRO A 168 -38.39 11.47 7.62
N GLY A 169 -38.32 10.24 8.13
CA GLY A 169 -37.06 9.54 8.28
C GLY A 169 -36.47 9.63 9.69
N ASN A 170 -35.52 8.75 9.99
CA ASN A 170 -34.76 8.84 11.24
C ASN A 170 -35.62 8.70 12.51
N VAL A 171 -36.84 8.17 12.42
CA VAL A 171 -37.67 8.07 13.63
C VAL A 171 -37.11 7.09 14.66
N GLY A 172 -36.35 6.10 14.17
CA GLY A 172 -35.71 5.19 15.09
C GLY A 172 -34.75 5.95 15.98
N LEU A 173 -34.04 6.91 15.37
CA LEU A 173 -33.16 7.82 16.11
C LEU A 173 -33.94 8.70 17.07
N LEU A 174 -35.10 9.16 16.60
CA LEU A 174 -35.99 9.97 17.42
C LEU A 174 -36.52 9.16 18.61
N ASP A 175 -36.68 7.85 18.47
CA ASP A 175 -37.02 6.98 19.62
C ASP A 175 -35.91 7.01 20.67
N GLN A 176 -34.68 6.82 20.23
CA GLN A 176 -33.55 6.92 21.12
C GLN A 176 -33.51 8.32 21.82
N ARG A 177 -33.74 9.38 21.04
CA ARG A 177 -33.64 10.72 21.62
C ARG A 177 -34.71 10.92 22.70
N LEU A 178 -35.93 10.42 22.43
CA LEU A 178 -37.01 10.48 23.39
C LEU A 178 -36.63 9.76 24.72
N ALA A 179 -36.07 8.56 24.60
CA ALA A 179 -35.54 7.86 25.77
C ALA A 179 -34.42 8.65 26.52
N LEU A 180 -33.52 9.30 25.77
CA LEU A 180 -32.58 10.18 26.43
C LEU A 180 -33.30 11.31 27.20
N GLN A 181 -34.42 11.80 26.66
CA GLN A 181 -35.15 12.87 27.32
C GLN A 181 -35.83 12.34 28.56
N TRP A 182 -36.31 11.09 28.46
CA TRP A 182 -36.99 10.47 29.57
C TRP A 182 -35.96 10.25 30.68
N VAL A 183 -34.71 10.00 30.30
CA VAL A 183 -33.68 9.84 31.31
C VAL A 183 -33.40 11.20 31.98
N GLN A 184 -33.24 12.25 31.18
CA GLN A 184 -33.08 13.60 31.77
C GLN A 184 -34.17 13.92 32.79
N GLU A 185 -35.42 13.59 32.47
CA GLU A 185 -36.46 14.01 33.35
C GLU A 185 -36.62 13.09 34.56
N ASN A 186 -36.31 11.79 34.40
CA ASN A 186 -36.76 10.83 35.41
C ASN A 186 -35.68 10.06 36.14
N ILE A 187 -34.46 10.06 35.62
CA ILE A 187 -33.46 9.13 36.15
C ILE A 187 -33.10 9.42 37.61
N ALA A 188 -33.26 10.68 38.02
CA ALA A 188 -33.05 11.08 39.41
C ALA A 188 -33.97 10.34 40.37
N ALA A 189 -35.17 9.96 39.92
CA ALA A 189 -36.03 9.12 40.76
C ALA A 189 -35.39 7.77 41.10
N PHE A 190 -34.32 7.40 40.41
CA PHE A 190 -33.72 6.07 40.58
C PHE A 190 -32.36 6.25 41.21
N GLY A 191 -32.01 7.49 41.56
CA GLY A 191 -30.71 7.82 42.09
C GLY A 191 -29.66 8.06 41.00
N GLY A 192 -30.10 8.23 39.76
CA GLY A 192 -29.18 8.50 38.68
C GLY A 192 -28.94 9.99 38.54
N ASP A 193 -27.79 10.37 38.02
CA ASP A 193 -27.44 11.75 37.85
C ASP A 193 -27.64 12.18 36.42
N PRO A 194 -28.69 12.96 36.16
CA PRO A 194 -28.95 13.39 34.76
C PRO A 194 -27.80 14.29 34.26
N MET A 195 -26.98 14.80 35.17
CA MET A 195 -25.84 15.61 34.72
C MET A 195 -24.61 14.78 34.38
N SER A 196 -24.73 13.46 34.49
CA SER A 196 -23.64 12.58 34.08
C SER A 196 -24.13 11.36 33.29
N VAL A 197 -24.27 11.55 31.99
CA VAL A 197 -24.86 10.54 31.15
C VAL A 197 -23.91 10.20 30.04
N THR A 198 -23.50 8.95 30.02
CA THR A 198 -22.61 8.43 29.00
C THR A 198 -23.43 7.49 28.09
N LEU A 199 -23.48 7.79 26.80
CA LEU A 199 -24.09 6.87 25.86
C LEU A 199 -23.05 5.80 25.48
N PHE A 200 -23.45 4.56 25.35
CA PHE A 200 -22.57 3.62 24.66
C PHE A 200 -23.35 2.66 23.81
N GLY A 201 -22.77 2.26 22.69
CA GLY A 201 -23.42 1.32 21.80
C GLY A 201 -22.41 0.61 20.92
N GLU A 202 -22.89 -0.41 20.22
CA GLU A 202 -22.00 -1.18 19.39
C GLU A 202 -22.60 -1.31 17.98
N SXE A 203 -21.74 -1.26 16.96
N SXE A 203 -21.74 -1.27 16.96
CA SXE A 203 -22.17 -1.42 15.58
CA SXE A 203 -22.16 -1.41 15.56
C SXE A 203 -23.20 -0.34 15.26
C SXE A 203 -23.20 -0.32 15.24
O SXE A 203 -22.87 0.84 15.45
O SXE A 203 -22.88 0.84 15.44
CB SXE A 203 -22.67 -2.84 15.45
CB SXE A 203 -22.57 -2.85 15.33
OG SXE A 203 -22.61 -3.21 14.05
OG SXE A 203 -22.70 -3.06 13.90
O1 SXE A 203 -25.21 -3.19 13.63
O1 SXE A 203 -25.25 -3.66 13.64
P1 SXE A 203 -23.92 -3.86 13.34
P1 SXE A 203 -23.85 -4.05 13.34
N1 SXE A 203 -23.88 -5.47 13.74
N1 SXE A 203 -23.51 -4.23 11.72
C1 SXE A 203 -23.56 -5.99 15.09
C1 SXE A 203 -22.88 -3.19 10.88
C3 SXE A 203 -24.86 -6.43 15.79
C3 SXE A 203 -23.59 -3.04 9.52
C2 SXE A 203 -22.52 -7.11 15.06
C2 SXE A 203 -21.39 -3.51 10.72
O2 SXE A 203 -23.43 -3.82 11.80
O2 SXE A 203 -23.34 -5.44 13.99
C4 SXE A 203 -22.03 -3.57 11.52
C4 SXE A 203 -24.07 -5.98 15.13
C5 SXE A 203 -21.90 -3.07 10.10
C5 SXE A 203 -23.23 -7.09 15.73
N ALA A 204 -24.40 -0.68 14.78
CA ALA A 204 -25.41 0.38 14.51
C ALA A 204 -25.73 1.21 15.76
N GLY A 205 -25.57 0.59 16.92
CA GLY A 205 -25.67 1.24 18.21
C GLY A 205 -24.63 2.35 18.30
N ALA A 206 -23.41 2.05 17.90
CA ALA A 206 -22.33 3.02 17.90
C ALA A 206 -22.57 4.14 16.88
N ALA A 207 -22.99 3.75 15.70
CA ALA A 207 -23.30 4.73 14.67
C ALA A 207 -24.39 5.65 15.24
N SER A 208 -25.39 5.04 15.87
CA SER A 208 -26.43 5.79 16.58
C SER A 208 -25.83 6.81 17.57
N VAL A 209 -24.96 6.33 18.47
CA VAL A 209 -24.31 7.22 19.43
C VAL A 209 -23.64 8.37 18.68
N GLY A 210 -22.94 8.05 17.60
CA GLY A 210 -22.27 9.04 16.79
C GLY A 210 -23.22 10.05 16.16
N MET A 211 -24.42 9.61 15.81
CA MET A 211 -25.37 10.57 15.30
C MET A 211 -25.96 11.49 16.35
N HIS A 212 -26.07 11.00 17.59
CA HIS A 212 -26.52 11.87 18.64
C HIS A 212 -25.47 12.96 18.90
N ILE A 213 -24.20 12.60 18.78
CA ILE A 213 -23.12 13.58 18.85
C ILE A 213 -23.25 14.64 17.76
N LEU A 214 -23.71 14.23 16.59
CA LEU A 214 -23.75 15.11 15.43
C LEU A 214 -25.00 15.95 15.33
N SER A 215 -25.95 15.75 16.22
CA SER A 215 -27.26 16.34 16.06
C SER A 215 -27.56 17.18 17.27
N LEU A 216 -27.51 18.49 17.10
CA LEU A 216 -27.55 19.44 18.22
C LEU A 216 -28.67 19.17 19.26
N PRO A 217 -29.90 18.88 18.80
CA PRO A 217 -30.90 18.68 19.86
C PRO A 217 -30.62 17.46 20.75
N SER A 218 -29.70 16.57 20.36
CA SER A 218 -29.36 15.43 21.22
C SER A 218 -28.24 15.75 22.19
N ARG A 219 -27.46 16.77 21.83
CA ARG A 219 -26.23 17.07 22.54
C ARG A 219 -26.44 17.53 23.97
N SER A 220 -27.62 18.06 24.27
CA SER A 220 -27.90 18.46 25.64
C SER A 220 -28.35 17.31 26.52
N LEU A 221 -28.47 16.11 25.95
CA LEU A 221 -29.06 14.99 26.66
C LEU A 221 -28.00 14.03 27.18
N PHE A 222 -26.73 14.30 26.87
CA PHE A 222 -25.69 13.40 27.34
C PHE A 222 -24.36 14.15 27.42
N HIS A 223 -23.38 13.54 28.07
CA HIS A 223 -22.14 14.23 28.31
C HIS A 223 -20.90 13.58 27.71
N ARG A 224 -20.93 12.27 27.58
CA ARG A 224 -19.78 11.48 27.12
C ARG A 224 -20.30 10.35 26.23
N ALA A 225 -19.43 9.72 25.45
CA ALA A 225 -19.90 8.74 24.50
C ALA A 225 -18.87 7.65 24.19
N VAL A 226 -19.38 6.43 24.05
CA VAL A 226 -18.59 5.27 23.65
C VAL A 226 -19.13 4.67 22.35
N LEU A 227 -18.26 4.51 21.38
CA LEU A 227 -18.66 3.92 20.10
C LEU A 227 -17.86 2.64 19.86
N GLN A 228 -18.50 1.50 20.01
CA GLN A 228 -17.85 0.22 19.82
C GLN A 228 -18.12 -0.31 18.41
N SER A 229 -17.08 -0.46 17.58
CA SER A 229 -17.23 -1.06 16.24
C SER A 229 -18.35 -0.45 15.39
N GLY A 230 -18.41 0.87 15.34
CA GLY A 230 -19.38 1.50 14.44
C GLY A 230 -19.26 2.99 14.50
N THR A 231 -19.74 3.67 13.47
CA THR A 231 -19.56 5.11 13.34
C THR A 231 -20.67 5.75 12.51
N PRO A 232 -20.98 7.02 12.77
CA PRO A 232 -21.98 7.64 11.88
C PRO A 232 -21.45 7.81 10.46
N ASN A 233 -20.14 8.01 10.29
CA ASN A 233 -19.52 8.06 8.97
C ASN A 233 -19.33 6.64 8.47
N GLY A 234 -18.93 6.50 7.21
CA GLY A 234 -18.75 5.18 6.63
C GLY A 234 -19.83 4.74 5.65
N PRO A 235 -19.65 3.57 5.05
CA PRO A 235 -20.48 3.24 3.88
C PRO A 235 -21.90 2.73 4.20
N TRP A 236 -22.15 2.25 5.42
CA TRP A 236 -23.44 1.61 5.70
C TRP A 236 -24.39 2.40 6.61
N ALA A 237 -23.86 3.34 7.40
CA ALA A 237 -24.68 3.96 8.46
C ALA A 237 -25.69 5.00 7.99
N THR A 238 -25.50 5.56 6.80
CA THR A 238 -26.48 6.53 6.31
C THR A 238 -26.77 6.37 4.83
N VAL A 239 -27.88 6.94 4.39
CA VAL A 239 -28.15 7.04 2.96
C VAL A 239 -28.57 8.48 2.69
N SER A 240 -28.53 8.85 1.42
CA SER A 240 -28.92 10.18 1.00
C SER A 240 -30.44 10.26 0.91
N ALA A 241 -30.98 11.48 0.96
CA ALA A 241 -32.41 11.69 0.81
C ALA A 241 -32.94 11.08 -0.48
N GLY A 242 -32.24 11.30 -1.60
CA GLY A 242 -32.66 10.73 -2.88
C GLY A 242 -32.70 9.21 -2.88
N GLU A 243 -31.64 8.60 -2.42
CA GLU A 243 -31.58 7.15 -2.38
C GLU A 243 -32.65 6.58 -1.45
N ALA A 244 -32.90 7.24 -0.32
CA ALA A 244 -33.93 6.74 0.61
C ALA A 244 -35.32 6.83 -0.04
N ARG A 245 -35.57 7.91 -0.77
CA ARG A 245 -36.83 8.09 -1.48
C ARG A 245 -37.00 6.91 -2.45
N ARG A 246 -35.96 6.65 -3.24
CA ARG A 246 -35.97 5.55 -4.19
C ARG A 246 -36.29 4.20 -3.52
N ARG A 247 -35.63 3.90 -2.40
CA ARG A 247 -35.89 2.63 -1.73
C ARG A 247 -37.31 2.46 -1.17
N ALA A 248 -37.83 3.48 -0.51
CA ALA A 248 -39.16 3.40 0.05
C ALA A 248 -40.18 3.26 -1.07
N THR A 249 -39.92 3.92 -2.18
CA THR A 249 -40.84 3.88 -3.31
C THR A 249 -40.84 2.47 -3.89
N LEU A 250 -39.65 1.90 -3.97
CA LEU A 250 -39.51 0.53 -4.45
C LEU A 250 -40.19 -0.45 -3.49
N LEU A 251 -39.95 -0.30 -2.19
CA LEU A 251 -40.62 -1.15 -1.21
C LEU A 251 -42.15 -1.07 -1.32
N ALA A 252 -42.66 0.15 -1.44
CA ALA A 252 -44.10 0.34 -1.66
C ALA A 252 -44.60 -0.49 -2.84
N ARG A 253 -43.91 -0.43 -3.97
CA ARG A 253 -44.28 -1.26 -5.12
C ARG A 253 -44.23 -2.77 -4.79
N LEU A 254 -43.15 -3.22 -4.12
CA LEU A 254 -43.02 -4.65 -3.82
C LEU A 254 -44.21 -5.19 -3.04
N VAL A 255 -44.86 -4.33 -2.24
CA VAL A 255 -45.97 -4.76 -1.42
C VAL A 255 -47.34 -4.30 -1.95
N GLY A 256 -47.36 -3.62 -3.09
CA GLY A 256 -48.60 -3.18 -3.70
C GLY A 256 -49.03 -1.73 -3.50
N CYS A 257 -48.07 -0.80 -3.38
CA CYS A 257 -48.38 0.59 -3.10
C CYS A 257 -47.70 1.53 -4.11
N ASN A 265 -47.65 11.08 -5.25
CA ASN A 265 -48.02 11.73 -3.99
C ASN A 265 -47.69 10.92 -2.72
N ASP A 266 -46.84 11.49 -1.85
CA ASP A 266 -46.32 10.77 -0.67
C ASP A 266 -47.38 10.33 0.32
N THR A 267 -48.39 11.17 0.50
CA THR A 267 -49.41 10.89 1.49
C THR A 267 -50.16 9.60 1.18
N GLU A 268 -50.45 9.36 -0.08
CA GLU A 268 -51.28 8.21 -0.44
C GLU A 268 -50.44 6.95 -0.35
N LEU A 269 -49.22 7.04 -0.83
CA LEU A 269 -48.24 5.98 -0.75
C LEU A 269 -48.03 5.50 0.71
N ILE A 270 -47.77 6.43 1.61
CA ILE A 270 -47.50 6.10 2.98
C ILE A 270 -48.79 5.60 3.62
N ALA A 271 -49.92 6.18 3.24
CA ALA A 271 -51.17 5.66 3.79
C ALA A 271 -51.35 4.19 3.41
N CYS A 272 -51.00 3.83 2.19
CA CYS A 272 -51.10 2.46 1.73
C CYS A 272 -50.11 1.56 2.51
N LEU A 273 -48.87 1.99 2.65
CA LEU A 273 -47.90 1.29 3.52
C LEU A 273 -48.46 1.04 4.93
N ARG A 274 -49.10 2.05 5.50
CA ARG A 274 -49.63 1.94 6.86
C ARG A 274 -50.69 0.87 6.93
N THR A 275 -51.31 0.51 5.81
CA THR A 275 -52.29 -0.56 5.87
C THR A 275 -51.63 -1.94 5.71
N ARG A 276 -50.34 -1.99 5.42
CA ARG A 276 -49.71 -3.30 5.29
C ARG A 276 -49.46 -3.92 6.65
N PRO A 277 -49.67 -5.22 6.76
CA PRO A 277 -49.35 -5.97 7.97
C PRO A 277 -47.85 -5.87 8.25
N ALA A 278 -47.46 -5.63 9.50
CA ALA A 278 -46.02 -5.54 9.80
C ALA A 278 -45.16 -6.63 9.12
N GLN A 279 -45.60 -7.91 9.17
CA GLN A 279 -44.78 -9.00 8.65
C GLN A 279 -44.56 -8.88 7.14
N ASP A 280 -45.53 -8.26 6.47
CA ASP A 280 -45.41 -8.00 5.05
C ASP A 280 -44.26 -7.03 4.73
N LEU A 281 -44.13 -5.98 5.54
CA LEU A 281 -43.05 -5.04 5.32
C LEU A 281 -41.73 -5.77 5.55
N VAL A 282 -41.67 -6.56 6.62
CA VAL A 282 -40.42 -7.24 6.98
C VAL A 282 -40.02 -8.19 5.86
N ASP A 283 -41.00 -8.84 5.23
CA ASP A 283 -40.72 -9.92 4.30
C ASP A 283 -40.18 -9.32 3.02
N HIS A 284 -40.34 -8.00 2.83
CA HIS A 284 -39.89 -7.40 1.58
C HIS A 284 -38.69 -6.48 1.69
N GLU A 285 -38.36 -6.03 2.90
CA GLU A 285 -37.38 -4.96 3.06
C GLU A 285 -36.00 -5.31 2.46
N TRP A 286 -35.65 -6.59 2.51
CA TRP A 286 -34.36 -7.03 1.98
C TRP A 286 -34.33 -7.08 0.45
N HIS A 287 -35.49 -7.27 -0.19
CA HIS A 287 -35.54 -7.26 -1.66
C HIS A 287 -35.31 -5.88 -2.27
N VAL A 288 -35.46 -4.85 -1.45
CA VAL A 288 -35.41 -3.49 -1.96
C VAL A 288 -34.02 -3.21 -2.47
N LEU A 289 -33.06 -3.95 -1.97
CA LEU A 289 -31.69 -3.76 -2.41
C LEU A 289 -30.95 -5.09 -2.64
N PRO A 290 -31.21 -5.76 -3.78
CA PRO A 290 -30.56 -7.01 -4.20
C PRO A 290 -29.07 -7.07 -3.89
N GLN A 291 -28.65 -8.09 -3.15
CA GLN A 291 -27.24 -8.24 -2.72
C GLN A 291 -26.97 -9.67 -2.22
N GLU A 292 -25.73 -10.14 -2.38
CA GLU A 292 -25.42 -11.52 -2.00
C GLU A 292 -25.21 -11.65 -0.50
N SER A 293 -24.92 -10.54 0.16
CA SER A 293 -24.57 -10.56 1.57
C SER A 293 -24.86 -9.21 2.27
N ILE A 294 -24.87 -9.26 3.60
CA ILE A 294 -25.42 -8.21 4.48
C ILE A 294 -24.61 -6.93 4.71
N PHE A 295 -23.82 -6.49 3.72
CA PHE A 295 -22.99 -5.30 3.92
C PHE A 295 -23.77 -3.96 4.00
N ARG A 296 -24.89 -3.87 3.29
CA ARG A 296 -25.76 -2.72 3.38
C ARG A 296 -27.17 -3.14 3.84
N PHE A 297 -27.90 -2.23 4.48
CA PHE A 297 -29.33 -2.47 4.69
C PHE A 297 -30.08 -1.34 4.07
N SER A 298 -31.33 -1.57 3.69
CA SER A 298 -32.03 -0.59 2.86
C SER A 298 -32.48 0.63 3.68
N PHE A 299 -32.85 0.40 4.93
CA PHE A 299 -33.45 1.42 5.78
C PHE A 299 -32.61 1.80 7.00
N VAL A 300 -31.82 2.86 6.82
CA VAL A 300 -30.87 3.35 7.80
C VAL A 300 -31.08 4.87 7.97
N PRO A 301 -30.35 5.48 8.92
CA PRO A 301 -30.48 6.94 9.04
C PRO A 301 -30.30 7.64 7.67
N VAL A 302 -31.23 8.54 7.37
CA VAL A 302 -31.13 9.37 6.19
C VAL A 302 -30.59 10.78 6.50
N VAL A 303 -29.74 11.29 5.62
CA VAL A 303 -29.25 12.67 5.70
C VAL A 303 -30.36 13.60 5.25
N ASP A 304 -31.20 14.01 6.21
CA ASP A 304 -32.46 14.69 5.90
C ASP A 304 -32.33 16.19 5.94
N GLY A 305 -31.15 16.70 6.30
CA GLY A 305 -30.99 18.12 6.55
C GLY A 305 -31.77 18.58 7.79
N ASP A 306 -32.10 17.64 8.68
CA ASP A 306 -32.86 17.93 9.90
C ASP A 306 -32.14 17.33 11.09
N PHE A 307 -32.48 16.09 11.43
CA PHE A 307 -31.70 15.34 12.39
C PHE A 307 -30.23 15.40 12.03
N LEU A 308 -29.94 15.24 10.74
CA LEU A 308 -28.57 15.34 10.27
C LEU A 308 -28.51 16.47 9.26
N SER A 309 -27.80 17.54 9.62
CA SER A 309 -27.93 18.74 8.84
C SER A 309 -27.08 18.61 7.58
N ASP A 310 -26.20 17.61 7.59
CA ASP A 310 -25.34 17.32 6.45
C ASP A 310 -24.86 15.88 6.60
N THR A 311 -24.04 15.38 5.68
CA THR A 311 -23.46 14.05 5.84
C THR A 311 -22.65 14.00 7.14
N PRO A 312 -22.52 12.81 7.75
CA PRO A 312 -21.62 12.72 8.91
C PRO A 312 -20.17 13.10 8.55
N GLU A 313 -19.72 12.68 7.38
CA GLU A 313 -18.38 13.03 6.90
CA GLU A 313 -18.40 13.05 6.87
C GLU A 313 -18.18 14.55 7.00
N ALA A 314 -19.14 15.31 6.48
CA ALA A 314 -19.01 16.75 6.53
C ALA A 314 -19.06 17.26 7.96
N LEU A 315 -19.91 16.68 8.79
CA LEU A 315 -20.08 17.16 10.15
C LEU A 315 -18.87 16.86 11.05
N ILE A 316 -18.20 15.74 10.85
CA ILE A 316 -17.01 15.50 11.65
C ILE A 316 -15.80 16.31 11.16
N ASN A 317 -15.82 16.75 9.89
CA ASN A 317 -14.78 17.66 9.39
C ASN A 317 -14.95 19.11 9.87
N THR A 318 -16.19 19.54 10.08
CA THR A 318 -16.46 20.93 10.37
C THR A 318 -16.87 21.15 11.81
N GLY A 319 -17.03 20.06 12.55
CA GLY A 319 -17.52 20.13 13.90
C GLY A 319 -16.52 20.59 14.94
N ASP A 320 -17.02 21.37 15.90
CA ASP A 320 -16.26 21.77 17.06
C ASP A 320 -16.59 20.82 18.22
N PHE A 321 -15.63 19.99 18.59
CA PHE A 321 -15.89 18.97 19.61
C PHE A 321 -15.08 19.12 20.90
N GLN A 322 -14.71 20.36 21.22
CA GLN A 322 -13.88 20.64 22.36
C GLN A 322 -14.42 20.06 23.66
N ASP A 323 -15.72 20.16 23.84
CA ASP A 323 -16.33 19.67 25.07
C ASP A 323 -16.39 18.13 25.18
N LEU A 324 -16.07 17.42 24.10
CA LEU A 324 -16.42 16.00 24.00
C LEU A 324 -15.36 15.03 24.48
N GLN A 325 -15.76 14.09 25.35
CA GLN A 325 -14.89 12.96 25.62
C GLN A 325 -15.50 11.71 25.04
N VAL A 326 -14.70 10.94 24.34
CA VAL A 326 -15.20 9.84 23.58
C VAL A 326 -14.26 8.66 23.68
N LEU A 327 -14.83 7.47 23.77
CA LEU A 327 -14.06 6.23 23.77
C LEU A 327 -14.51 5.43 22.56
N VAL A 328 -13.57 5.02 21.73
CA VAL A 328 -13.90 4.30 20.51
C VAL A 328 -13.00 3.09 20.30
N GLY A 329 -13.45 2.12 19.53
CA GLY A 329 -12.60 0.98 19.27
C GLY A 329 -13.23 -0.07 18.40
N VAL A 330 -12.48 -1.15 18.21
CA VAL A 330 -12.81 -2.18 17.26
C VAL A 330 -12.35 -3.49 17.85
N VAL A 331 -12.91 -4.60 17.36
CA VAL A 331 -12.45 -5.93 17.71
C VAL A 331 -11.41 -6.37 16.66
N LYS A 332 -10.71 -7.45 16.95
CA LYS A 332 -9.62 -7.91 16.10
C LYS A 332 -10.10 -8.30 14.70
N ASP A 333 -11.24 -8.96 14.62
CA ASP A 333 -11.73 -9.41 13.30
C ASP A 333 -13.11 -8.87 12.92
N GLU A 334 -13.16 -7.57 12.61
CA GLU A 334 -14.42 -6.91 12.27
C GLU A 334 -15.14 -7.50 11.03
N GLY A 335 -14.40 -8.09 10.08
CA GLY A 335 -15.00 -8.52 8.86
C GLY A 335 -15.53 -9.93 8.87
N SER A 336 -15.11 -10.72 9.84
CA SER A 336 -15.24 -12.15 9.63
C SER A 336 -16.70 -12.52 9.66
N TYR A 337 -17.43 -11.98 10.63
CA TYR A 337 -18.88 -12.22 10.74
C TYR A 337 -19.68 -12.10 9.43
N PHE A 338 -19.47 -10.98 8.73
CA PHE A 338 -20.13 -10.65 7.47
C PHE A 338 -20.06 -11.79 6.43
N LEU A 339 -18.93 -12.48 6.40
CA LEU A 339 -18.59 -13.32 5.27
C LEU A 339 -19.48 -14.54 5.20
N VAL A 340 -19.87 -15.06 6.38
CA VAL A 340 -20.67 -16.27 6.39
C VAL A 340 -22.09 -16.00 6.00
N TYR A 341 -22.43 -14.72 5.84
CA TYR A 341 -23.75 -14.35 5.40
C TYR A 341 -23.75 -14.09 3.92
N GLY A 342 -23.26 -15.04 3.16
CA GLY A 342 -23.48 -15.02 1.72
C GLY A 342 -22.32 -14.58 0.84
N VAL A 343 -21.11 -14.47 1.37
CA VAL A 343 -20.00 -14.43 0.43
C VAL A 343 -19.67 -15.88 0.01
N PRO A 344 -19.74 -16.18 -1.30
CA PRO A 344 -19.50 -17.56 -1.74
C PRO A 344 -18.12 -18.02 -1.33
N GLY A 345 -18.06 -19.23 -0.80
CA GLY A 345 -16.81 -19.80 -0.30
C GLY A 345 -16.73 -19.83 1.21
N PHE A 346 -17.57 -19.06 1.90
CA PHE A 346 -17.42 -18.89 3.34
C PHE A 346 -18.48 -19.61 4.15
N SER A 347 -18.04 -20.21 5.24
CA SER A 347 -18.94 -21.01 6.08
C SER A 347 -18.51 -21.06 7.55
N LYS A 348 -19.48 -21.17 8.45
CA LYS A 348 -19.09 -21.41 9.83
C LYS A 348 -18.59 -22.86 9.98
N ASP A 349 -19.06 -23.76 9.13
CA ASP A 349 -18.82 -25.21 9.33
C ASP A 349 -17.56 -25.79 8.68
N ASN A 350 -16.83 -24.98 7.91
CA ASN A 350 -15.54 -25.39 7.39
C ASN A 350 -14.54 -24.23 7.57
N GLU A 351 -13.33 -24.42 7.11
CA GLU A 351 -12.26 -23.48 7.40
C GLU A 351 -12.23 -22.31 6.38
N SER A 352 -13.09 -22.45 5.38
CA SER A 352 -13.34 -21.40 4.40
C SER A 352 -12.09 -20.90 3.69
N LEU A 353 -11.17 -21.82 3.40
CA LEU A 353 -10.08 -21.53 2.47
C LEU A 353 -10.67 -21.18 1.08
N ILE A 354 -10.30 -20.04 0.53
CA ILE A 354 -10.88 -19.62 -0.73
C ILE A 354 -9.85 -19.41 -1.84
N SER A 355 -10.33 -19.34 -3.07
CA SER A 355 -9.48 -19.16 -4.23
C SER A 355 -9.35 -17.69 -4.51
N ARG A 356 -8.38 -17.33 -5.33
CA ARG A 356 -8.20 -15.97 -5.77
C ARG A 356 -9.45 -15.44 -6.46
N ALA A 357 -10.10 -16.30 -7.26
CA ALA A 357 -11.30 -15.85 -7.92
C ALA A 357 -12.38 -15.57 -6.87
N GLN A 358 -12.52 -16.44 -5.88
CA GLN A 358 -13.49 -16.15 -4.83
C GLN A 358 -13.16 -14.86 -4.09
N PHE A 359 -11.87 -14.55 -3.97
CA PHE A 359 -11.48 -13.30 -3.33
C PHE A 359 -11.90 -12.09 -4.18
N LEU A 360 -11.54 -12.08 -5.46
CA LEU A 360 -12.03 -11.05 -6.35
C LEU A 360 -13.55 -10.88 -6.25
N ALA A 361 -14.28 -11.98 -6.35
CA ALA A 361 -15.73 -11.91 -6.28
C ALA A 361 -16.19 -11.37 -4.92
N GLY A 362 -15.53 -11.81 -3.84
CA GLY A 362 -15.89 -11.34 -2.52
C GLY A 362 -15.71 -9.84 -2.40
N VAL A 363 -14.68 -9.32 -3.06
CA VAL A 363 -14.41 -7.91 -3.01
C VAL A 363 -15.51 -7.10 -3.71
N ARG A 364 -16.03 -7.60 -4.84
CA ARG A 364 -17.15 -6.92 -5.50
C ARG A 364 -18.35 -6.83 -4.57
N ILE A 365 -18.64 -7.90 -3.85
CA ILE A 365 -19.75 -7.93 -2.92
C ILE A 365 -19.50 -7.09 -1.66
N GLY A 366 -18.30 -7.18 -1.09
CA GLY A 366 -17.99 -6.45 0.13
C GLY A 366 -17.81 -4.94 -0.05
N VAL A 367 -17.63 -4.50 -1.29
CA VAL A 367 -17.43 -3.09 -1.58
C VAL A 367 -18.25 -2.82 -2.82
N PRO A 368 -19.59 -2.98 -2.69
CA PRO A 368 -20.52 -2.97 -3.83
C PRO A 368 -20.47 -1.65 -4.60
N GLN A 369 -19.95 -0.61 -3.96
CA GLN A 369 -19.83 0.70 -4.61
C GLN A 369 -18.60 0.86 -5.52
N ALA A 370 -17.74 -0.16 -5.60
CA ALA A 370 -16.49 0.00 -6.33
C ALA A 370 -16.57 -0.20 -7.84
N SER A 371 -15.91 0.70 -8.58
CA SER A 371 -15.71 0.50 -10.00
C SER A 371 -14.78 -0.69 -10.20
N ASP A 372 -14.46 -1.02 -11.45
CA ASP A 372 -13.54 -2.12 -11.69
C ASP A 372 -12.13 -1.78 -11.24
N LEU A 373 -11.77 -0.51 -11.42
CA LEU A 373 -10.47 0.01 -11.04
C LEU A 373 -10.33 0.00 -9.54
N ALA A 374 -11.38 0.43 -8.84
CA ALA A 374 -11.36 0.50 -7.37
C ALA A 374 -11.20 -0.89 -6.78
N ALA A 375 -12.00 -1.82 -7.30
CA ALA A 375 -11.95 -3.21 -6.92
C ALA A 375 -10.56 -3.76 -7.17
N GLU A 376 -9.94 -3.37 -8.29
CA GLU A 376 -8.57 -3.81 -8.60
C GLU A 376 -7.60 -3.28 -7.56
N ALA A 377 -7.74 -2.01 -7.23
CA ALA A 377 -6.85 -1.40 -6.25
C ALA A 377 -6.95 -2.17 -4.93
N VAL A 378 -8.17 -2.51 -4.54
CA VAL A 378 -8.39 -3.19 -3.27
C VAL A 378 -7.68 -4.55 -3.31
N VAL A 379 -7.97 -5.32 -4.36
CA VAL A 379 -7.36 -6.63 -4.51
C VAL A 379 -5.81 -6.55 -4.46
N LEU A 380 -5.27 -5.56 -5.14
CA LEU A 380 -3.84 -5.43 -5.23
C LEU A 380 -3.27 -5.03 -3.88
N HIS A 381 -3.90 -4.09 -3.21
CA HIS A 381 -3.47 -3.71 -1.87
C HIS A 381 -3.41 -4.86 -0.86
N TYR A 382 -4.41 -5.73 -0.90
CA TYR A 382 -4.56 -6.80 0.10
C TYR A 382 -3.93 -8.10 -0.35
N THR A 383 -3.63 -8.24 -1.65
CA THR A 383 -2.85 -9.40 -2.09
C THR A 383 -1.50 -9.50 -1.37
N ASP A 384 -1.17 -10.71 -0.91
CA ASP A 384 0.18 -11.08 -0.49
C ASP A 384 1.03 -11.53 -1.69
N TRP A 385 1.90 -10.65 -2.21
CA TRP A 385 2.59 -10.98 -3.46
C TRP A 385 3.65 -12.08 -3.35
N LEU A 386 4.12 -12.35 -2.15
CA LEU A 386 4.88 -13.59 -1.91
C LEU A 386 4.10 -14.90 -2.09
N HIS A 387 2.80 -14.89 -1.75
CA HIS A 387 1.91 -16.05 -1.93
C HIS A 387 0.54 -15.58 -2.41
N PRO A 388 0.46 -15.12 -3.65
CA PRO A 388 -0.77 -14.50 -4.14
C PRO A 388 -1.94 -15.47 -4.20
N GLU A 389 -1.67 -16.77 -4.09
CA GLU A 389 -2.68 -17.79 -4.35
C GLU A 389 -3.01 -18.61 -3.11
N ASP A 390 -2.35 -18.31 -2.01
CA ASP A 390 -2.53 -19.04 -0.78
C ASP A 390 -3.96 -18.84 -0.20
N PRO A 391 -4.67 -19.95 -0.03
CA PRO A 391 -6.10 -19.86 0.30
C PRO A 391 -6.36 -19.36 1.75
N THR A 392 -5.45 -19.64 2.67
CA THR A 392 -5.58 -19.11 4.02
C THR A 392 -5.37 -17.59 4.07
N HIS A 393 -4.30 -17.11 3.44
CA HIS A 393 -4.13 -15.67 3.37
C HIS A 393 -5.29 -14.99 2.63
N LEU A 394 -5.80 -15.61 1.56
CA LEU A 394 -6.91 -15.02 0.83
C LEU A 394 -8.18 -14.94 1.70
N ARG A 395 -8.48 -16.03 2.41
CA ARG A 395 -9.60 -16.03 3.33
C ARG A 395 -9.50 -14.85 4.30
N ASP A 396 -8.32 -14.66 4.89
CA ASP A 396 -8.12 -13.63 5.91
C ASP A 396 -8.10 -12.24 5.31
N ALA A 397 -7.73 -12.16 4.05
CA ALA A 397 -7.69 -10.85 3.42
C ALA A 397 -9.14 -10.43 3.07
N MET A 398 -9.98 -11.38 2.69
CA MET A 398 -11.40 -11.07 2.44
C MET A 398 -12.03 -10.48 3.71
N SER A 399 -11.65 -11.05 4.85
CA SER A 399 -12.17 -10.59 6.13
C SER A 399 -11.63 -9.20 6.46
N ALA A 400 -10.37 -8.97 6.16
CA ALA A 400 -9.78 -7.66 6.46
C ALA A 400 -10.35 -6.54 5.58
N VAL A 401 -10.51 -6.82 4.28
CA VAL A 401 -11.11 -5.87 3.33
C VAL A 401 -12.45 -5.37 3.85
N VAL A 402 -13.29 -6.29 4.28
CA VAL A 402 -14.65 -5.98 4.63
C VAL A 402 -14.71 -5.36 6.04
N GLY A 403 -13.88 -5.87 6.93
CA GLY A 403 -13.67 -5.27 8.23
C GLY A 403 -13.10 -3.86 8.22
N ASP A 404 -12.12 -3.59 7.35
CA ASP A 404 -11.46 -2.29 7.29
C ASP A 404 -12.38 -1.24 6.64
N HIS A 405 -13.01 -1.61 5.54
CA HIS A 405 -13.86 -0.69 4.80
C HIS A 405 -15.08 -0.24 5.64
N ASN A 406 -15.71 -1.19 6.34
CA ASN A 406 -16.94 -0.96 7.08
C ASN A 406 -16.79 -0.48 8.52
N VAL A 407 -15.71 -0.86 9.20
CA VAL A 407 -15.59 -0.49 10.62
C VAL A 407 -14.24 0.17 11.00
N VAL A 408 -13.13 -0.56 10.82
CA VAL A 408 -11.82 -0.11 11.28
C VAL A 408 -11.42 1.24 10.69
N CYS A 409 -11.55 1.40 9.38
CA CYS A 409 -11.16 2.67 8.79
C CYS A 409 -12.16 3.81 9.07
N PRO A 410 -13.46 3.53 9.02
CA PRO A 410 -14.38 4.57 9.51
C PRO A 410 -14.10 4.98 10.97
N VAL A 411 -13.76 4.01 11.82
CA VAL A 411 -13.37 4.37 13.18
C VAL A 411 -12.06 5.18 13.24
N ALA A 412 -11.04 4.80 12.45
CA ALA A 412 -9.79 5.57 12.48
C ALA A 412 -10.07 7.00 12.02
N GLN A 413 -10.87 7.11 10.99
CA GLN A 413 -11.16 8.43 10.50
C GLN A 413 -11.92 9.21 11.57
N LEU A 414 -12.93 8.60 12.20
CA LEU A 414 -13.63 9.26 13.29
C LEU A 414 -12.68 9.74 14.38
N ALA A 415 -11.83 8.86 14.92
CA ALA A 415 -10.93 9.22 16.00
C ALA A 415 -10.05 10.41 15.60
N GLY A 416 -9.56 10.36 14.37
CA GLY A 416 -8.72 11.40 13.81
C GLY A 416 -9.42 12.76 13.72
N ARG A 417 -10.60 12.79 13.10
CA ARG A 417 -11.34 14.04 13.03
C ARG A 417 -11.66 14.61 14.42
N LEU A 418 -12.36 13.85 15.25
CA LEU A 418 -12.56 14.30 16.63
C LEU A 418 -11.29 14.82 17.36
N ALA A 419 -10.22 14.05 17.34
CA ALA A 419 -9.02 14.48 18.02
C ALA A 419 -8.49 15.84 17.46
N ALA A 420 -8.51 15.99 16.14
CA ALA A 420 -8.00 17.21 15.52
C ALA A 420 -8.87 18.40 15.88
N GLN A 421 -10.10 18.13 16.27
CA GLN A 421 -11.08 19.18 16.47
C GLN A 421 -11.59 19.34 17.90
N GLY A 422 -10.73 19.01 18.86
CA GLY A 422 -10.97 19.38 20.23
C GLY A 422 -11.38 18.27 21.18
N ALA A 423 -11.59 17.06 20.69
CA ALA A 423 -12.21 16.09 21.58
C ALA A 423 -11.14 15.31 22.32
N ARG A 424 -11.46 14.87 23.53
CA ARG A 424 -10.59 13.92 24.18
C ARG A 424 -11.04 12.56 23.70
N VAL A 425 -10.15 11.85 22.99
CA VAL A 425 -10.46 10.52 22.41
C VAL A 425 -9.58 9.45 23.03
N TYR A 426 -10.17 8.30 23.38
CA TYR A 426 -9.44 7.09 23.78
C TYR A 426 -9.83 5.98 22.79
N ALA A 427 -8.88 5.14 22.42
CA ALA A 427 -9.08 4.15 21.36
C ALA A 427 -8.54 2.81 21.81
N TYR A 428 -9.15 1.74 21.35
CA TYR A 428 -8.75 0.41 21.78
C TYR A 428 -8.99 -0.51 20.62
N ILE A 429 -8.29 -1.62 20.65
CA ILE A 429 -8.65 -2.74 19.83
C ILE A 429 -8.79 -3.89 20.80
N PHE A 430 -9.91 -4.57 20.71
CA PHE A 430 -10.23 -5.68 21.62
C PHE A 430 -9.83 -7.00 20.96
N GLU A 431 -8.99 -7.78 21.62
CA GLU A 431 -8.38 -8.94 20.96
C GLU A 431 -8.58 -10.24 21.69
N HIS A 432 -9.44 -10.26 22.71
CA HIS A 432 -9.67 -11.52 23.35
C HIS A 432 -10.87 -12.29 22.77
N ARG A 433 -10.64 -13.52 22.33
CA ARG A 433 -11.75 -14.35 21.86
C ARG A 433 -12.38 -15.14 23.03
N ALA A 434 -13.66 -14.93 23.31
CA ALA A 434 -14.27 -15.66 24.43
C ALA A 434 -13.95 -17.17 24.33
N SER A 435 -13.65 -17.77 25.46
CA SER A 435 -13.47 -19.23 25.51
C SER A 435 -14.78 -19.95 25.16
N THR A 436 -15.92 -19.28 25.35
CA THR A 436 -17.23 -19.91 25.08
C THR A 436 -17.78 -19.69 23.68
N LEU A 437 -17.03 -19.02 22.82
CA LEU A 437 -17.48 -18.71 21.47
C LEU A 437 -17.80 -19.96 20.62
N THR A 438 -18.92 -19.95 19.92
CA THR A 438 -19.31 -21.14 19.17
C THR A 438 -19.07 -20.99 17.67
N TRP A 439 -18.64 -19.81 17.24
CA TRP A 439 -18.19 -19.64 15.86
C TRP A 439 -16.80 -20.29 15.74
N PRO A 440 -16.39 -20.67 14.52
CA PRO A 440 -15.12 -21.36 14.32
C PRO A 440 -13.95 -20.44 14.64
N LEU A 441 -12.79 -21.02 14.96
CA LEU A 441 -11.56 -20.26 15.16
C LEU A 441 -11.17 -19.32 14.04
N TRP A 442 -11.42 -19.69 12.78
CA TRP A 442 -10.92 -18.87 11.68
C TRP A 442 -11.50 -17.47 11.79
N MET A 443 -12.66 -17.36 12.43
CA MET A 443 -13.32 -16.05 12.55
C MET A 443 -12.69 -15.15 13.61
N GLY A 444 -11.77 -15.70 14.39
CA GLY A 444 -11.07 -14.93 15.41
C GLY A 444 -12.00 -14.28 16.44
N VAL A 445 -11.99 -12.95 16.52
CA VAL A 445 -12.85 -12.17 17.43
C VAL A 445 -13.82 -11.36 16.58
N PRO A 446 -15.01 -11.90 16.31
CA PRO A 446 -15.96 -11.25 15.41
C PRO A 446 -16.60 -10.08 16.13
N HIS A 447 -17.17 -9.11 15.42
CA HIS A 447 -17.73 -7.98 16.16
C HIS A 447 -18.97 -8.39 16.91
N GLY A 448 -19.24 -7.71 18.01
CA GLY A 448 -20.24 -8.12 18.97
C GLY A 448 -19.69 -8.96 20.12
N TYR A 449 -18.57 -9.64 19.93
CA TYR A 449 -18.07 -10.52 21.00
C TYR A 449 -17.22 -9.88 22.11
N GLU A 450 -17.04 -8.57 22.05
CA GLU A 450 -16.55 -7.88 23.24
C GLU A 450 -17.72 -7.53 24.18
N ILE A 451 -18.94 -7.45 23.66
CA ILE A 451 -20.02 -6.92 24.49
C ILE A 451 -20.22 -7.65 25.83
N GLU A 452 -20.33 -8.98 25.80
CA GLU A 452 -20.53 -9.76 27.02
C GLU A 452 -19.44 -9.47 28.07
N PHE A 453 -18.24 -9.10 27.64
CA PHE A 453 -17.20 -8.75 28.63
C PHE A 453 -17.41 -7.37 29.22
N ILE A 454 -17.80 -6.39 28.40
CA ILE A 454 -18.07 -5.04 28.90
C ILE A 454 -19.23 -5.07 29.89
N PHE A 455 -20.24 -5.90 29.60
CA PHE A 455 -21.40 -5.98 30.49
C PHE A 455 -21.16 -6.89 31.70
N GLY A 456 -20.00 -7.55 31.76
CA GLY A 456 -19.61 -8.39 32.88
C GLY A 456 -20.23 -9.77 32.97
N LEU A 457 -20.81 -10.30 31.88
CA LEU A 457 -21.40 -11.65 31.99
C LEU A 457 -20.44 -12.68 32.59
N PRO A 458 -19.15 -12.53 32.35
CA PRO A 458 -18.39 -13.66 32.89
C PRO A 458 -18.34 -13.74 34.42
N LEU A 459 -18.83 -12.73 35.16
CA LEU A 459 -18.95 -12.88 36.62
C LEU A 459 -20.02 -13.89 37.02
N ASP A 460 -20.83 -14.33 36.06
CA ASP A 460 -21.84 -15.31 36.38
C ASP A 460 -21.24 -16.72 36.23
N PRO A 461 -20.99 -17.38 37.36
CA PRO A 461 -20.25 -18.64 37.35
C PRO A 461 -20.97 -19.67 36.51
N SER A 462 -22.30 -19.63 36.54
CA SER A 462 -23.05 -20.52 35.64
C SER A 462 -22.77 -20.36 34.12
N LEU A 463 -22.16 -19.25 33.69
CA LEU A 463 -21.79 -19.10 32.27
C LEU A 463 -20.48 -19.78 31.84
N ASN A 464 -19.73 -20.34 32.79
CA ASN A 464 -18.56 -21.17 32.41
C ASN A 464 -17.39 -20.44 31.73
N TYR A 465 -17.30 -19.13 31.90
CA TYR A 465 -16.10 -18.41 31.51
C TYR A 465 -14.93 -18.80 32.43
N THR A 466 -13.70 -18.66 31.95
CA THR A 466 -12.53 -18.95 32.80
C THR A 466 -12.34 -17.88 33.85
N THR A 467 -11.57 -18.20 34.88
CA THR A 467 -11.15 -17.24 35.90
C THR A 467 -10.47 -15.99 35.32
N GLU A 468 -9.58 -16.16 34.34
CA GLU A 468 -8.94 -15.00 33.73
C GLU A 468 -9.97 -14.10 33.02
N GLU A 469 -10.96 -14.73 32.39
CA GLU A 469 -12.01 -13.97 31.73
C GLU A 469 -12.82 -13.15 32.72
N ARG A 470 -13.04 -13.70 33.91
CA ARG A 470 -13.72 -13.00 34.98
C ARG A 470 -12.89 -11.78 35.45
N ILE A 471 -11.57 -11.95 35.62
CA ILE A 471 -10.70 -10.83 36.00
C ILE A 471 -10.65 -9.77 34.87
N PHE A 472 -10.60 -10.27 33.64
CA PHE A 472 -10.63 -9.42 32.45
C PHE A 472 -11.92 -8.59 32.38
N ALA A 473 -13.06 -9.21 32.64
CA ALA A 473 -14.33 -8.49 32.53
C ALA A 473 -14.38 -7.35 33.56
N GLN A 474 -13.89 -7.62 34.78
CA GLN A 474 -13.80 -6.59 35.81
C GLN A 474 -12.94 -5.43 35.35
N ARG A 475 -11.83 -5.72 34.68
CA ARG A 475 -10.97 -4.68 34.18
C ARG A 475 -11.75 -3.79 33.26
N LEU A 476 -12.47 -4.40 32.31
CA LEU A 476 -13.22 -3.69 31.29
C LEU A 476 -14.35 -2.86 31.89
N MET A 477 -15.13 -3.47 32.80
CA MET A 477 -16.18 -2.74 33.49
C MET A 477 -15.59 -1.51 34.19
N LYS A 478 -14.40 -1.68 34.78
CA LYS A 478 -13.74 -0.55 35.42
C LYS A 478 -13.39 0.53 34.40
N TYR A 479 -12.87 0.13 33.23
CA TYR A 479 -12.46 1.13 32.24
C TYR A 479 -13.66 1.96 31.81
N TRP A 480 -14.74 1.25 31.47
CA TRP A 480 -15.94 1.87 30.91
C TRP A 480 -16.60 2.79 31.92
N THR A 481 -16.81 2.29 33.15
CA THR A 481 -17.42 3.11 34.18
C THR A 481 -16.50 4.25 34.69
N ASN A 482 -15.19 4.05 34.77
CA ASN A 482 -14.30 5.20 35.06
C ASN A 482 -14.47 6.27 33.99
N PHE A 483 -14.47 5.85 32.71
CA PHE A 483 -14.73 6.75 31.62
C PHE A 483 -16.10 7.46 31.82
N ALA A 484 -17.13 6.71 32.17
CA ALA A 484 -18.45 7.34 32.38
C ALA A 484 -18.39 8.36 33.51
N ARG A 485 -17.67 8.02 34.57
CA ARG A 485 -17.54 8.90 35.73
C ARG A 485 -16.73 10.15 35.44
N THR A 486 -15.60 10.01 34.76
CA THR A 486 -14.60 11.07 34.78
C THR A 486 -14.12 11.51 33.40
N GLY A 487 -14.55 10.81 32.35
CA GLY A 487 -14.09 11.14 31.01
C GLY A 487 -12.74 10.49 30.71
N ASP A 488 -12.28 9.67 31.67
CA ASP A 488 -10.95 9.06 31.63
C ASP A 488 -11.03 7.59 32.10
N PRO A 489 -10.66 6.64 31.22
CA PRO A 489 -10.90 5.24 31.59
C PRO A 489 -9.90 4.78 32.65
N ASN A 490 -8.89 5.60 32.89
CA ASN A 490 -7.81 5.21 33.79
C ASN A 490 -8.25 5.21 35.25
N ASP A 491 -7.67 4.31 36.02
CA ASP A 491 -7.97 4.27 37.44
C ASP A 491 -6.99 5.19 38.18
N PRO A 492 -7.54 6.25 38.82
CA PRO A 492 -6.72 7.22 39.56
C PRO A 492 -6.05 6.57 40.77
N PRO A 498 -0.57 0.03 33.91
CA PRO A 498 -0.12 0.89 32.78
C PRO A 498 -1.25 1.79 32.29
N GLN A 499 -0.94 3.03 31.95
CA GLN A 499 -1.93 4.03 31.54
C GLN A 499 -2.43 3.88 30.10
N TRP A 500 -3.67 4.32 29.90
CA TRP A 500 -4.28 4.41 28.59
C TRP A 500 -4.15 5.88 28.19
N PRO A 501 -3.24 6.20 27.27
CA PRO A 501 -3.08 7.59 26.87
C PRO A 501 -4.18 7.93 25.91
N PRO A 502 -4.58 9.20 25.84
CA PRO A 502 -5.52 9.67 24.80
C PRO A 502 -4.98 9.43 23.38
N TYR A 503 -5.89 9.35 22.41
CA TYR A 503 -5.52 9.23 21.03
C TYR A 503 -5.37 10.63 20.45
N THR A 504 -4.25 10.90 19.81
CA THR A 504 -4.01 12.19 19.20
C THR A 504 -3.55 12.01 17.78
N THR A 505 -3.59 13.08 17.01
CA THR A 505 -3.20 12.98 15.62
C THR A 505 -1.70 12.89 15.49
N ALA A 506 -0.97 13.46 16.45
CA ALA A 506 0.48 13.36 16.41
C ALA A 506 0.93 11.93 16.69
N ALA A 507 0.47 11.36 17.81
CA ALA A 507 0.97 10.06 18.22
C ALA A 507 0.08 8.86 17.86
N GLN A 508 -1.20 9.10 17.60
CA GLN A 508 -2.13 8.01 17.21
C GLN A 508 -2.08 6.77 18.12
N GLN A 509 -2.03 6.99 19.41
CA GLN A 509 -1.97 5.91 20.38
C GLN A 509 -3.31 5.25 20.75
N TYR A 510 -3.32 3.93 20.84
CA TYR A 510 -4.49 3.17 21.28
C TYR A 510 -4.01 1.95 22.03
N VAL A 511 -4.89 1.32 22.81
CA VAL A 511 -4.45 0.18 23.61
C VAL A 511 -5.04 -1.14 23.14
N SER A 512 -4.30 -2.23 23.37
CA SER A 512 -4.88 -3.54 23.15
C SER A 512 -5.65 -3.93 24.41
N LEU A 513 -6.86 -4.45 24.23
CA LEU A 513 -7.63 -5.04 25.32
C LEU A 513 -7.60 -6.55 25.18
N ASN A 514 -6.90 -7.20 26.08
CA ASN A 514 -6.84 -8.66 26.10
C ASN A 514 -6.39 -9.08 27.49
N LEU A 515 -6.05 -10.36 27.67
CA LEU A 515 -5.84 -10.92 29.03
C LEU A 515 -4.57 -10.42 29.65
N LYS A 516 -3.71 -9.82 28.83
CA LYS A 516 -2.46 -9.26 29.33
C LYS A 516 -2.76 -7.82 29.71
N PRO A 517 -1.88 -7.19 30.47
CA PRO A 517 -2.10 -5.79 30.81
C PRO A 517 -2.09 -4.87 29.58
N LEU A 518 -2.67 -3.69 29.71
CA LEU A 518 -2.69 -2.73 28.61
C LEU A 518 -1.33 -2.61 27.95
N GLU A 519 -1.34 -2.68 26.62
CA GLU A 519 -0.17 -2.38 25.81
C GLU A 519 -0.51 -1.24 24.85
N VAL A 520 0.36 -0.23 24.79
CA VAL A 520 0.09 0.93 23.94
C VAL A 520 0.62 0.65 22.54
N ARG A 521 -0.15 0.99 21.53
CA ARG A 521 0.23 0.80 20.14
C ARG A 521 0.01 2.09 19.40
N ARG A 522 0.67 2.23 18.26
CA ARG A 522 0.58 3.46 17.50
C ARG A 522 0.06 3.20 16.11
N GLY A 523 -0.89 4.03 15.71
CA GLY A 523 -1.41 3.97 14.38
C GLY A 523 -2.40 2.84 14.25
N LEU A 524 -3.63 3.24 13.96
CA LEU A 524 -4.71 2.31 13.77
C LEU A 524 -4.81 1.96 12.27
N ARG A 525 -4.25 0.81 11.89
CA ARG A 525 -4.13 0.43 10.48
C ARG A 525 -3.76 1.62 9.61
N ALA A 526 -2.77 2.41 10.02
CA ALA A 526 -2.53 3.69 9.35
C ALA A 526 -2.30 3.60 7.83
N GLN A 527 -1.43 2.72 7.33
CA GLN A 527 -1.24 2.66 5.88
C GLN A 527 -2.53 2.33 5.17
N THR A 528 -3.15 1.25 5.59
CA THR A 528 -4.35 0.76 4.94
C THR A 528 -5.50 1.74 5.05
N CYS A 529 -5.62 2.41 6.18
CA CYS A 529 -6.72 3.36 6.30
C CYS A 529 -6.47 4.63 5.46
N ALA A 530 -5.20 4.94 5.18
CA ALA A 530 -4.91 5.98 4.22
C ALA A 530 -5.46 5.56 2.86
N PHE A 531 -5.27 4.29 2.51
CA PHE A 531 -5.87 3.79 1.29
C PHE A 531 -7.41 3.99 1.22
N TRP A 532 -8.14 3.52 2.21
CA TRP A 532 -9.61 3.68 2.20
C TRP A 532 -10.11 5.12 2.39
N ASN A 533 -9.41 5.89 3.22
CA ASN A 533 -9.92 7.19 3.64
C ASN A 533 -9.44 8.35 2.80
N ARG A 534 -8.33 8.18 2.09
CA ARG A 534 -7.77 9.26 1.28
C ARG A 534 -7.70 8.91 -0.21
N PHE A 535 -7.25 7.71 -0.52
CA PHE A 535 -7.08 7.43 -1.93
C PHE A 535 -8.36 6.91 -2.56
N LEU A 536 -8.97 5.89 -1.99
CA LEU A 536 -10.15 5.29 -2.64
C LEU A 536 -11.19 6.33 -3.07
N PRO A 537 -11.56 7.24 -2.15
CA PRO A 537 -12.52 8.28 -2.55
C PRO A 537 -12.15 8.93 -3.88
N LYS A 538 -10.91 9.41 -4.03
CA LYS A 538 -10.49 10.02 -5.30
C LYS A 538 -10.61 9.07 -6.49
N LEU A 539 -10.44 7.77 -6.25
CA LEU A 539 -10.61 6.80 -7.32
C LEU A 539 -12.08 6.64 -7.70
N LEU A 540 -12.95 6.86 -6.72
CA LEU A 540 -14.39 6.98 -6.97
C LEU A 540 -14.66 8.06 -8.02
N SER A 541 -14.16 9.27 -7.77
CA SER A 541 -14.36 10.40 -8.68
C SER A 541 -14.05 10.08 -10.15
N ALA A 542 -12.98 9.32 -10.39
CA ALA A 542 -12.61 8.90 -11.75
C ALA A 542 -13.02 7.46 -12.01
N GLU B 4 61.30 -6.77 -27.50
CA GLU B 4 59.97 -6.96 -28.08
C GLU B 4 59.26 -8.22 -27.50
N ASP B 5 58.55 -8.03 -26.39
CA ASP B 5 57.84 -9.11 -25.71
C ASP B 5 56.78 -9.73 -26.63
N PRO B 6 56.87 -11.04 -26.87
CA PRO B 6 55.94 -11.69 -27.81
C PRO B 6 54.55 -11.84 -27.23
N GLN B 7 54.44 -11.79 -25.90
CA GLN B 7 53.15 -11.81 -25.22
C GLN B 7 52.34 -10.57 -25.57
N LEU B 8 53.01 -9.54 -26.09
CA LEU B 8 52.34 -8.28 -26.31
C LEU B 8 52.11 -8.06 -27.78
N LEU B 9 52.45 -9.06 -28.59
CA LEU B 9 52.20 -9.01 -30.02
C LEU B 9 51.09 -9.97 -30.39
N VAL B 10 50.04 -9.47 -31.03
CA VAL B 10 48.91 -10.27 -31.42
C VAL B 10 48.53 -9.91 -32.83
N ARG B 11 48.12 -10.90 -33.60
CA ARG B 11 47.58 -10.62 -34.91
C ARG B 11 46.07 -10.86 -34.94
N VAL B 12 45.33 -9.81 -35.23
CA VAL B 12 43.89 -9.93 -35.44
C VAL B 12 43.59 -9.74 -36.93
N ARG B 13 42.37 -10.01 -37.36
CA ARG B 13 42.03 -9.89 -38.78
C ARG B 13 42.51 -8.61 -39.46
N GLY B 14 42.47 -7.48 -38.77
CA GLY B 14 42.85 -6.23 -39.39
C GLY B 14 44.35 -5.94 -39.46
N GLY B 15 45.16 -6.77 -38.79
CA GLY B 15 46.60 -6.57 -38.70
C GLY B 15 47.22 -6.84 -37.34
N GLN B 16 48.47 -6.40 -37.15
CA GLN B 16 49.19 -6.61 -35.91
C GLN B 16 48.91 -5.54 -34.88
N LEU B 17 49.00 -5.89 -33.59
CA LEU B 17 48.75 -4.99 -32.49
C LEU B 17 49.86 -5.21 -31.48
N ARG B 18 50.26 -4.15 -30.80
CA ARG B 18 51.16 -4.28 -29.68
C ARG B 18 50.49 -3.72 -28.43
N GLY B 19 50.36 -4.57 -27.42
CA GLY B 19 49.81 -4.13 -26.16
C GLY B 19 50.90 -3.74 -25.17
N ILE B 20 50.50 -3.66 -23.91
CA ILE B 20 51.39 -3.21 -22.88
C ILE B 20 51.23 -4.11 -21.69
N ARG B 21 52.34 -4.43 -21.03
CA ARG B 21 52.30 -5.28 -19.85
C ARG B 21 51.96 -4.39 -18.69
N LEU B 22 50.90 -4.71 -17.97
CA LEU B 22 50.49 -3.86 -16.89
C LEU B 22 50.66 -4.60 -15.58
N LYS B 23 50.74 -3.85 -14.49
CA LYS B 23 50.96 -4.47 -13.21
C LYS B 23 49.64 -4.65 -12.48
N ALA B 24 49.39 -5.86 -11.98
CA ALA B 24 48.32 -6.06 -11.01
C ALA B 24 48.93 -6.43 -9.64
N PRO B 25 48.17 -6.27 -8.54
CA PRO B 25 48.72 -6.64 -7.23
C PRO B 25 49.38 -8.02 -7.21
N GLY B 26 48.79 -9.00 -7.90
CA GLY B 26 49.32 -10.34 -7.85
C GLY B 26 50.22 -10.75 -9.00
N GLY B 27 50.52 -9.81 -9.90
CA GLY B 27 51.38 -10.10 -11.04
C GLY B 27 50.96 -9.36 -12.29
N PRO B 28 51.65 -9.67 -13.41
CA PRO B 28 51.50 -8.95 -14.69
C PRO B 28 50.20 -9.31 -15.43
N VAL B 29 49.65 -8.35 -16.19
CA VAL B 29 48.57 -8.65 -17.16
C VAL B 29 48.93 -8.03 -18.51
N SER B 30 48.41 -8.60 -19.59
CA SER B 30 48.64 -8.05 -20.91
C SER B 30 47.41 -7.21 -21.27
N ALA B 31 47.60 -5.93 -21.58
CA ALA B 31 46.49 -5.07 -21.96
C ALA B 31 46.63 -4.55 -23.40
N PHE B 32 45.54 -4.61 -24.15
CA PHE B 32 45.49 -4.09 -25.51
C PHE B 32 44.44 -3.01 -25.55
N LEU B 33 44.89 -1.78 -25.47
CA LEU B 33 44.00 -0.66 -25.32
C LEU B 33 43.86 0.15 -26.61
N GLY B 34 42.64 0.59 -26.89
CA GLY B 34 42.40 1.51 -27.99
C GLY B 34 42.47 0.81 -29.33
N ILE B 35 41.96 -0.42 -29.40
CA ILE B 35 41.87 -1.15 -30.67
C ILE B 35 40.68 -0.64 -31.45
N PRO B 36 40.91 -0.22 -32.71
CA PRO B 36 39.79 0.30 -33.51
C PRO B 36 38.90 -0.85 -33.94
N PHE B 37 37.59 -0.73 -33.80
CA PHE B 37 36.78 -1.81 -34.29
C PHE B 37 35.84 -1.36 -35.40
N ALA B 38 35.80 -0.05 -35.64
CA ALA B 38 34.97 0.50 -36.70
C ALA B 38 35.70 1.64 -37.38
N GLU B 39 35.26 1.96 -38.59
CA GLU B 39 35.68 3.18 -39.24
C GLU B 39 35.21 4.34 -38.37
N PRO B 40 36.06 5.36 -38.19
CA PRO B 40 35.60 6.50 -37.37
C PRO B 40 34.28 7.05 -37.92
N PRO B 41 33.28 7.25 -37.05
CA PRO B 41 31.94 7.65 -37.51
C PRO B 41 31.79 9.15 -37.70
N VAL B 42 32.58 9.72 -38.59
CA VAL B 42 32.68 11.18 -38.70
C VAL B 42 32.18 11.72 -40.04
N GLY B 43 32.08 13.03 -40.16
CA GLY B 43 31.62 13.60 -41.40
C GLY B 43 30.30 13.00 -41.85
N SER B 44 30.31 12.34 -42.99
CA SER B 44 29.05 11.81 -43.51
C SER B 44 28.60 10.58 -42.72
N ARG B 45 29.46 10.07 -41.84
CA ARG B 45 29.12 8.86 -41.10
C ARG B 45 28.49 9.19 -39.77
N ARG B 46 28.42 10.48 -39.44
CA ARG B 46 27.72 10.84 -38.20
C ARG B 46 26.25 10.45 -38.30
N PHE B 47 25.71 9.88 -37.22
CA PHE B 47 24.34 9.33 -37.14
C PHE B 47 24.16 7.99 -37.87
N MET B 48 25.22 7.53 -38.54
CA MET B 48 25.10 6.32 -39.33
C MET B 48 25.56 5.06 -38.58
N PRO B 49 25.06 3.90 -39.01
CA PRO B 49 25.53 2.63 -38.50
C PRO B 49 27.04 2.56 -38.66
N PRO B 50 27.72 1.85 -37.75
CA PRO B 50 29.18 1.75 -37.83
C PRO B 50 29.55 0.82 -38.96
N GLU B 51 30.66 1.10 -39.63
CA GLU B 51 31.23 0.20 -40.63
C GLU B 51 32.47 -0.41 -40.00
N PRO B 52 32.80 -1.64 -40.37
CA PRO B 52 34.02 -2.28 -39.81
C PRO B 52 35.33 -1.55 -40.15
N LYS B 53 36.26 -1.54 -39.21
CA LYS B 53 37.57 -0.92 -39.40
C LYS B 53 38.31 -1.55 -40.56
N ARG B 54 38.80 -0.70 -41.47
CA ARG B 54 39.69 -1.18 -42.54
C ARG B 54 41.00 -1.74 -41.94
N PRO B 55 41.55 -2.77 -42.57
CA PRO B 55 42.86 -3.36 -42.27
C PRO B 55 43.97 -2.30 -42.25
N TRP B 56 45.01 -2.53 -41.47
CA TRP B 56 46.08 -1.56 -41.35
C TRP B 56 47.43 -2.27 -41.52
N SER B 57 48.45 -1.51 -41.90
CA SER B 57 49.78 -2.06 -42.12
C SER B 57 50.62 -2.05 -40.85
N GLY B 58 51.77 -2.72 -40.84
CA GLY B 58 52.62 -2.65 -39.67
C GLY B 58 51.97 -3.02 -38.34
N VAL B 59 52.56 -2.50 -37.27
CA VAL B 59 52.16 -2.89 -35.95
C VAL B 59 51.50 -1.75 -35.24
N LEU B 60 50.21 -1.91 -35.02
CA LEU B 60 49.37 -0.87 -34.42
C LEU B 60 49.57 -0.78 -32.91
N ASP B 61 49.86 0.43 -32.44
CA ASP B 61 50.08 0.67 -31.03
C ASP B 61 48.78 0.60 -30.20
N ALA B 62 48.66 -0.42 -29.37
CA ALA B 62 47.48 -0.60 -28.53
C ALA B 62 47.88 -0.57 -27.06
N THR B 63 48.54 0.50 -26.65
CA THR B 63 49.15 0.53 -25.32
C THR B 63 48.48 1.59 -24.49
N THR B 64 47.50 2.24 -25.07
CA THR B 64 46.87 3.38 -24.40
C THR B 64 45.40 3.52 -24.78
N PHE B 65 44.59 4.01 -23.85
CA PHE B 65 43.18 4.23 -24.13
C PHE B 65 42.96 5.28 -25.24
N GLN B 66 42.01 5.04 -26.13
CA GLN B 66 41.67 6.00 -27.17
C GLN B 66 40.74 7.09 -26.67
N ASN B 67 40.38 8.02 -27.55
CA ASN B 67 39.41 9.06 -27.21
C ASN B 67 38.04 8.57 -26.69
N VAL B 68 37.47 9.38 -25.81
CA VAL B 68 36.13 9.17 -25.31
C VAL B 68 35.13 9.78 -26.30
N CYS B 69 34.01 9.08 -26.53
CA CYS B 69 32.99 9.54 -27.49
C CYS B 69 32.38 10.87 -27.09
N TYR B 70 32.16 11.72 -28.08
CA TYR B 70 31.73 13.06 -27.77
C TYR B 70 30.48 13.13 -26.90
N GLN B 71 30.55 13.88 -25.82
CA GLN B 71 29.47 13.91 -24.85
C GLN B 71 29.52 15.14 -23.97
N TYR B 72 28.39 15.39 -23.32
CA TYR B 72 28.30 16.38 -22.27
C TYR B 72 29.13 15.93 -21.07
N VAL B 73 29.76 16.89 -20.42
CA VAL B 73 30.55 16.62 -19.23
C VAL B 73 29.87 17.28 -18.04
N ASP B 74 29.60 16.48 -17.00
CA ASP B 74 28.96 16.94 -15.78
C ASP B 74 29.81 17.95 -15.01
N THR B 75 29.27 19.16 -14.83
CA THR B 75 30.00 20.23 -14.15
C THR B 75 29.39 20.56 -12.79
N LEU B 76 28.55 19.68 -12.27
CA LEU B 76 27.80 20.04 -11.07
C LEU B 76 28.67 20.37 -9.87
N TYR B 77 29.67 19.53 -9.59
CA TYR B 77 30.54 19.79 -8.44
C TYR B 77 31.98 19.74 -8.85
N PRO B 78 32.46 20.80 -9.51
CA PRO B 78 33.84 20.88 -10.02
C PRO B 78 34.85 20.50 -8.96
N GLY B 79 35.74 19.56 -9.28
CA GLY B 79 36.78 19.13 -8.37
C GLY B 79 36.37 18.10 -7.31
N PHE B 80 35.08 17.78 -7.28
CA PHE B 80 34.57 16.78 -6.37
C PHE B 80 34.82 15.40 -6.94
N GLU B 81 35.52 14.57 -6.18
CA GLU B 81 35.73 13.19 -6.56
C GLU B 81 34.44 12.50 -7.05
N GLY B 82 33.39 12.55 -6.24
CA GLY B 82 32.19 11.79 -6.53
C GLY B 82 31.62 11.97 -7.92
N THR B 83 31.89 13.13 -8.50
CA THR B 83 31.42 13.47 -9.83
C THR B 83 32.51 13.26 -10.85
N GLU B 84 33.71 13.65 -10.51
CA GLU B 84 34.82 13.66 -11.47
C GLU B 84 35.15 12.26 -11.93
N MET B 85 34.91 11.28 -11.06
CA MET B 85 35.32 9.92 -11.37
C MET B 85 34.53 9.35 -12.53
N TRP B 86 33.38 9.97 -12.84
CA TRP B 86 32.56 9.51 -13.95
C TRP B 86 32.81 10.28 -15.25
N ASN B 87 33.54 11.39 -15.15
CA ASN B 87 33.80 12.26 -16.27
C ASN B 87 34.83 11.67 -17.22
N PRO B 88 34.82 12.11 -18.47
CA PRO B 88 35.80 11.62 -19.44
C PRO B 88 37.25 11.84 -18.97
N ASN B 89 38.09 10.82 -19.13
CA ASN B 89 39.46 10.91 -18.69
C ASN B 89 40.39 10.78 -19.90
N ARG B 90 39.84 10.85 -21.10
CA ARG B 90 40.65 11.17 -22.29
C ARG B 90 40.00 12.29 -23.10
N GLU B 91 40.64 12.72 -24.18
CA GLU B 91 40.07 13.76 -25.05
C GLU B 91 38.73 13.32 -25.66
N LEU B 92 37.79 14.24 -25.79
CA LEU B 92 36.53 13.98 -26.49
C LEU B 92 36.75 13.98 -28.01
N SER B 93 35.98 13.19 -28.72
CA SER B 93 36.12 13.11 -30.17
C SER B 93 35.04 12.20 -30.72
N GLU B 94 34.51 12.55 -31.88
CA GLU B 94 33.58 11.66 -32.56
C GLU B 94 34.31 10.41 -33.05
N ASP B 95 35.63 10.52 -33.13
CA ASP B 95 36.43 9.40 -33.55
C ASP B 95 36.76 8.63 -32.26
N CYS B 96 35.92 7.66 -31.92
CA CYS B 96 35.98 7.03 -30.60
C CYS B 96 35.66 5.56 -30.57
N LEU B 97 35.58 4.93 -31.74
CA LEU B 97 35.13 3.54 -31.77
C LEU B 97 36.29 2.56 -31.56
N TYR B 98 36.66 2.36 -30.30
CA TYR B 98 37.77 1.48 -29.97
C TYR B 98 37.35 0.64 -28.77
N LEU B 99 37.90 -0.55 -28.69
CA LEU B 99 37.67 -1.43 -27.58
C LEU B 99 38.98 -1.77 -26.87
N ASN B 100 38.87 -2.30 -25.67
CA ASN B 100 40.03 -2.65 -24.87
C ASN B 100 39.95 -4.11 -24.46
N VAL B 101 41.10 -4.75 -24.33
CA VAL B 101 41.12 -6.15 -23.95
C VAL B 101 42.16 -6.31 -22.87
N TRP B 102 41.79 -6.95 -21.77
CA TRP B 102 42.79 -7.40 -20.78
C TRP B 102 42.85 -8.92 -20.74
N THR B 103 44.07 -9.47 -20.61
CA THR B 103 44.24 -10.92 -20.52
C THR B 103 45.30 -11.30 -19.48
N PRO B 104 45.23 -12.53 -18.99
CA PRO B 104 46.32 -13.09 -18.17
C PRO B 104 47.65 -12.96 -18.90
N TYR B 105 48.70 -12.66 -18.15
CA TYR B 105 50.05 -12.70 -18.67
C TYR B 105 50.75 -13.86 -17.96
N PRO B 106 51.16 -14.90 -18.70
CA PRO B 106 51.07 -15.07 -20.16
C PRO B 106 49.69 -15.51 -20.60
N ARG B 107 49.41 -15.30 -21.89
CA ARG B 107 48.06 -15.49 -22.36
C ARG B 107 47.61 -16.93 -22.27
N PRO B 108 46.44 -17.14 -21.68
CA PRO B 108 45.78 -18.41 -21.35
C PRO B 108 46.26 -19.58 -22.19
N ALA B 109 46.41 -20.74 -21.53
CA ALA B 109 46.83 -21.95 -22.21
C ALA B 109 45.69 -22.41 -23.09
N SER B 110 44.50 -22.43 -22.50
CA SER B 110 43.30 -22.85 -23.21
C SER B 110 42.29 -21.71 -23.28
N PRO B 111 41.32 -21.82 -24.18
CA PRO B 111 40.28 -20.79 -24.35
C PRO B 111 39.63 -20.42 -23.01
N THR B 112 39.61 -19.12 -22.68
CA THR B 112 39.14 -18.61 -21.39
C THR B 112 37.84 -17.87 -21.58
N PRO B 113 36.91 -17.99 -20.63
CA PRO B 113 35.65 -17.25 -20.73
C PRO B 113 35.93 -15.77 -20.88
N VAL B 114 35.09 -15.09 -21.67
CA VAL B 114 35.27 -13.67 -21.94
C VAL B 114 34.14 -12.89 -21.32
N LEU B 115 34.46 -11.81 -20.59
CA LEU B 115 33.43 -10.88 -20.12
C LEU B 115 33.53 -9.58 -20.90
N ILE B 116 32.39 -9.11 -21.39
CA ILE B 116 32.36 -7.89 -22.13
C ILE B 116 31.57 -6.85 -21.36
N TRP B 117 32.22 -5.75 -21.03
CA TRP B 117 31.63 -4.69 -20.25
C TRP B 117 31.03 -3.60 -21.13
N ILE B 118 29.90 -3.08 -20.70
CA ILE B 118 29.21 -2.03 -21.44
C ILE B 118 28.77 -0.93 -20.48
N TYR B 119 29.50 0.18 -20.49
CA TYR B 119 29.31 1.18 -19.45
C TYR B 119 27.93 1.81 -19.50
N GLY B 120 27.55 2.45 -18.39
CA GLY B 120 26.31 3.22 -18.36
C GLY B 120 26.59 4.70 -18.48
N GLY B 121 25.64 5.55 -18.11
CA GLY B 121 25.79 6.99 -18.32
C GLY B 121 24.56 7.63 -18.97
N GLY B 122 23.43 6.92 -18.87
CA GLY B 122 22.15 7.43 -19.32
C GLY B 122 22.03 7.61 -20.83
N PHE B 123 22.97 7.01 -21.58
CA PHE B 123 23.02 7.16 -23.04
C PHE B 123 23.45 8.56 -23.48
N TYR B 124 23.90 9.40 -22.53
CA TYR B 124 24.46 10.70 -22.90
C TYR B 124 25.93 10.83 -22.49
N SER B 125 26.50 9.80 -21.87
CA SER B 125 27.86 9.91 -21.32
C SER B 125 28.42 8.53 -21.03
N GLY B 126 29.70 8.48 -20.66
CA GLY B 126 30.35 7.23 -20.33
C GLY B 126 31.57 6.93 -21.21
N ALA B 127 32.36 5.94 -20.79
CA ALA B 127 33.64 5.69 -21.43
C ALA B 127 34.23 4.43 -20.84
N ALA B 128 34.94 3.66 -21.65
CA ALA B 128 35.41 2.37 -21.19
C ALA B 128 36.71 2.56 -20.46
N SER B 129 37.19 3.79 -20.38
CA SER B 129 38.54 4.03 -19.86
C SER B 129 38.57 4.54 -18.41
N LEU B 130 37.39 4.69 -17.81
CA LEU B 130 37.32 5.07 -16.41
C LEU B 130 38.04 4.05 -15.50
N ASP B 131 38.66 4.53 -14.45
CA ASP B 131 39.38 3.65 -13.53
C ASP B 131 38.50 2.52 -12.98
N VAL B 132 37.22 2.81 -12.73
CA VAL B 132 36.36 1.78 -12.13
C VAL B 132 36.03 0.62 -13.06
N TYR B 133 36.43 0.73 -14.33
CA TYR B 133 36.18 -0.34 -15.30
C TYR B 133 37.47 -1.05 -15.66
N ASP B 134 38.54 -0.72 -14.95
CA ASP B 134 39.85 -1.31 -15.18
C ASP B 134 39.76 -2.84 -15.12
N GLY B 135 40.07 -3.51 -16.22
CA GLY B 135 39.97 -4.97 -16.28
C GLY B 135 41.14 -5.79 -15.74
N ARG B 136 42.18 -5.13 -15.21
CA ARG B 136 43.39 -5.85 -14.85
C ARG B 136 43.16 -6.89 -13.73
N PHE B 137 42.39 -6.51 -12.72
CA PHE B 137 42.11 -7.38 -11.57
C PHE B 137 41.36 -8.64 -11.94
N LEU B 138 40.30 -8.51 -12.75
CA LEU B 138 39.55 -9.69 -13.18
C LEU B 138 40.46 -10.59 -14.02
N ALA B 139 41.23 -9.99 -14.93
CA ALA B 139 42.17 -10.76 -15.73
C ALA B 139 43.24 -11.49 -14.88
N GLN B 140 43.83 -10.79 -13.93
CA GLN B 140 44.89 -11.36 -13.11
C GLN B 140 44.38 -12.40 -12.12
N VAL B 141 43.40 -12.01 -11.31
CA VAL B 141 43.04 -12.85 -10.19
C VAL B 141 42.20 -14.04 -10.60
N GLU B 142 41.34 -13.83 -11.61
CA GLU B 142 40.41 -14.86 -12.05
C GLU B 142 40.78 -15.49 -13.39
N GLY B 143 41.82 -14.98 -14.03
CA GLY B 143 42.21 -15.45 -15.35
C GLY B 143 41.22 -15.17 -16.48
N ALA B 144 40.36 -14.16 -16.30
CA ALA B 144 39.35 -13.81 -17.34
C ALA B 144 39.96 -12.99 -18.44
N VAL B 145 39.41 -13.11 -19.64
CA VAL B 145 39.71 -12.17 -20.70
C VAL B 145 38.60 -11.13 -20.61
N LEU B 146 38.98 -9.88 -20.35
CA LEU B 146 38.01 -8.81 -20.23
C LEU B 146 38.07 -7.85 -21.42
N VAL B 147 36.90 -7.56 -21.99
CA VAL B 147 36.77 -6.62 -23.10
C VAL B 147 35.85 -5.46 -22.73
N SER B 148 36.19 -4.23 -23.13
CA SER B 148 35.24 -3.12 -23.03
C SER B 148 35.27 -2.26 -24.31
N MET B 149 34.14 -1.70 -24.71
CA MET B 149 34.16 -0.87 -25.90
C MET B 149 33.61 0.52 -25.66
N ASN B 150 34.09 1.50 -26.41
CA ASN B 150 33.37 2.77 -26.46
C ASN B 150 32.24 2.61 -27.45
N TYR B 151 31.11 3.26 -27.16
CA TYR B 151 30.02 3.36 -28.13
C TYR B 151 29.45 4.78 -28.15
N ARG B 152 28.96 5.24 -29.29
CA ARG B 152 28.46 6.61 -29.36
C ARG B 152 27.28 6.83 -28.40
N VAL B 153 27.31 7.96 -27.71
CA VAL B 153 26.22 8.38 -26.86
C VAL B 153 25.62 9.69 -27.35
N GLY B 154 24.60 10.18 -26.64
CA GLY B 154 23.95 11.43 -27.01
C GLY B 154 23.35 11.36 -28.39
N THR B 155 23.25 12.51 -29.02
CA THR B 155 22.77 12.60 -30.41
C THR B 155 23.58 11.72 -31.38
N PHE B 156 24.89 11.68 -31.19
CA PHE B 156 25.74 10.95 -32.11
C PHE B 156 25.34 9.49 -32.12
N GLY B 157 24.82 8.99 -31.00
CA GLY B 157 24.55 7.58 -30.88
C GLY B 157 23.09 7.20 -31.06
N PHE B 158 22.21 8.15 -30.77
CA PHE B 158 20.81 7.79 -30.62
C PHE B 158 19.84 8.74 -31.25
N LEU B 159 20.34 9.80 -31.89
CA LEU B 159 19.44 10.67 -32.64
C LEU B 159 18.88 9.90 -33.83
N ALA B 160 17.57 9.81 -33.92
CA ALA B 160 16.99 9.06 -35.01
C ALA B 160 15.89 9.85 -35.72
N LEU B 161 15.88 9.72 -37.04
CA LEU B 161 14.71 10.06 -37.82
C LEU B 161 14.19 8.72 -38.33
N PRO B 162 13.23 8.13 -37.60
CA PRO B 162 12.93 6.72 -37.89
C PRO B 162 12.46 6.50 -39.32
N GLY B 163 13.00 5.48 -39.98
CA GLY B 163 12.59 5.19 -41.34
C GLY B 163 13.52 5.81 -42.36
N SER B 164 14.26 6.83 -41.95
CA SER B 164 15.26 7.45 -42.81
C SER B 164 16.45 6.52 -42.98
N ARG B 165 17.24 6.75 -44.03
CA ARG B 165 18.36 5.89 -44.34
C ARG B 165 19.64 6.38 -43.67
N GLU B 166 19.68 7.65 -43.30
CA GLU B 166 20.93 8.24 -42.84
C GLU B 166 20.97 8.53 -41.35
N ALA B 167 19.83 8.33 -40.69
CA ALA B 167 19.73 8.45 -39.25
C ALA B 167 18.66 7.52 -38.71
N PRO B 168 18.91 6.21 -38.81
CA PRO B 168 17.97 5.13 -38.45
C PRO B 168 17.73 4.99 -36.96
N GLY B 169 18.56 5.57 -36.10
CA GLY B 169 18.42 5.29 -34.68
C GLY B 169 19.21 4.07 -34.23
N ASN B 170 19.46 3.99 -32.93
CA ASN B 170 20.17 2.87 -32.32
C ASN B 170 21.62 2.63 -32.77
N VAL B 171 22.23 3.57 -33.50
CA VAL B 171 23.60 3.31 -33.96
C VAL B 171 24.57 3.09 -32.79
N GLY B 172 24.29 3.69 -31.64
CA GLY B 172 25.09 3.41 -30.45
C GLY B 172 25.01 1.94 -30.05
N LEU B 173 23.85 1.31 -30.25
CA LEU B 173 23.71 -0.10 -29.93
C LEU B 173 24.40 -0.91 -31.05
N LEU B 174 24.28 -0.47 -32.29
CA LEU B 174 25.05 -1.13 -33.36
C LEU B 174 26.57 -1.08 -33.14
N ASP B 175 27.03 -0.01 -32.51
CA ASP B 175 28.44 0.10 -32.12
C ASP B 175 28.78 -1.06 -31.22
N GLN B 176 27.99 -1.24 -30.16
CA GLN B 176 28.25 -2.32 -29.23
C GLN B 176 28.18 -3.67 -29.94
N ARG B 177 27.16 -3.84 -30.78
CA ARG B 177 27.03 -5.09 -31.53
C ARG B 177 28.27 -5.37 -32.39
N LEU B 178 28.84 -4.34 -33.01
CA LEU B 178 30.02 -4.55 -33.86
C LEU B 178 31.22 -4.96 -32.99
N ALA B 179 31.31 -4.43 -31.79
CA ALA B 179 32.37 -4.85 -30.88
C ALA B 179 32.20 -6.33 -30.49
N LEU B 180 30.97 -6.79 -30.30
CA LEU B 180 30.74 -8.19 -30.00
C LEU B 180 31.17 -9.03 -31.20
N GLN B 181 30.82 -8.58 -32.40
N GLN B 181 30.82 -8.58 -32.40
CA GLN B 181 31.17 -9.32 -33.62
CA GLN B 181 31.17 -9.32 -33.62
C GLN B 181 32.68 -9.40 -33.69
C GLN B 181 32.68 -9.39 -33.71
N TRP B 182 33.34 -8.29 -33.32
CA TRP B 182 34.79 -8.25 -33.37
C TRP B 182 35.38 -9.28 -32.43
N VAL B 183 34.72 -9.46 -31.28
CA VAL B 183 35.11 -10.49 -30.31
C VAL B 183 34.96 -11.92 -30.88
N GLN B 184 33.83 -12.22 -31.52
CA GLN B 184 33.68 -13.53 -32.14
C GLN B 184 34.80 -13.80 -33.10
N GLU B 185 35.16 -12.78 -33.87
CA GLU B 185 36.17 -12.97 -34.91
C GLU B 185 37.62 -12.95 -34.43
N ASN B 186 37.91 -12.30 -33.30
CA ASN B 186 39.31 -12.08 -32.92
C ASN B 186 39.73 -12.54 -31.52
N ILE B 187 38.78 -12.73 -30.62
CA ILE B 187 39.16 -12.90 -29.24
C ILE B 187 40.03 -14.16 -29.04
N ALA B 188 39.77 -15.21 -29.80
CA ALA B 188 40.59 -16.43 -29.74
C ALA B 188 42.08 -16.13 -29.86
N ALA B 189 42.44 -15.07 -30.58
CA ALA B 189 43.84 -14.69 -30.73
C ALA B 189 44.46 -14.18 -29.42
N PHE B 190 43.61 -13.86 -28.43
CA PHE B 190 44.06 -13.34 -27.15
C PHE B 190 43.98 -14.40 -26.05
N GLY B 191 43.56 -15.61 -26.42
CA GLY B 191 43.33 -16.68 -25.45
C GLY B 191 41.91 -16.70 -24.90
N GLY B 192 40.99 -16.02 -25.57
CA GLY B 192 39.62 -15.99 -25.13
C GLY B 192 38.76 -16.94 -25.94
N ASP B 193 37.71 -17.45 -25.32
CA ASP B 193 36.76 -18.37 -25.95
C ASP B 193 35.54 -17.66 -26.54
N PRO B 194 35.41 -17.62 -27.87
CA PRO B 194 34.23 -16.96 -28.46
C PRO B 194 32.96 -17.72 -28.14
N MET B 195 33.13 -18.99 -27.76
CA MET B 195 31.98 -19.81 -27.36
C MET B 195 31.53 -19.58 -25.93
N SER B 196 32.28 -18.77 -25.19
CA SER B 196 31.79 -18.36 -23.87
C SER B 196 31.92 -16.85 -23.61
N VAL B 197 30.91 -16.10 -24.00
CA VAL B 197 30.93 -14.65 -23.88
C VAL B 197 29.81 -14.19 -22.94
N THR B 198 30.18 -13.51 -21.88
CA THR B 198 29.18 -12.98 -20.97
C THR B 198 29.15 -11.47 -21.09
N LEU B 199 28.00 -10.89 -21.43
CA LEU B 199 27.88 -9.43 -21.36
C LEU B 199 27.59 -9.00 -19.93
N PHE B 200 28.27 -7.96 -19.46
CA PHE B 200 27.79 -7.29 -18.26
C PHE B 200 27.85 -5.77 -18.38
N GLY B 201 26.84 -5.10 -17.82
CA GLY B 201 26.76 -3.67 -17.88
C GLY B 201 25.98 -3.15 -16.70
N GLU B 202 26.15 -1.87 -16.41
CA GLU B 202 25.41 -1.20 -15.35
C GLU B 202 24.56 -0.02 -15.86
N SXE B 203 23.42 0.23 -15.19
N SXE B 203 23.43 0.24 -15.19
CA SXE B 203 22.52 1.32 -15.54
CA SXE B 203 22.53 1.34 -15.54
C SXE B 203 22.23 1.25 -17.03
C SXE B 203 22.23 1.26 -17.02
O SXE B 203 21.74 0.23 -17.49
O SXE B 203 21.74 0.23 -17.48
CB SXE B 203 23.24 2.58 -15.12
CB SXE B 203 23.24 2.61 -15.13
OG SXE B 203 22.27 3.64 -14.99
OG SXE B 203 22.24 3.66 -15.04
O1 SXE B 203 23.08 4.99 -17.11
O1 SXE B 203 23.37 5.20 -16.85
P1 SXE B 203 22.54 5.06 -15.73
P1 SXE B 203 22.61 5.15 -15.58
N1 SXE B 203 21.11 5.89 -15.60
N1 SXE B 203 23.38 5.89 -14.30
O2 SXE B 203 23.50 5.75 -14.62
O2 SXE B 203 21.13 5.80 -15.58
N ALA B 204 22.54 2.31 -17.80
CA ALA B 204 22.28 2.25 -19.25
C ALA B 204 23.04 1.13 -19.98
N GLY B 205 24.19 0.71 -19.44
CA GLY B 205 24.89 -0.42 -19.99
C GLY B 205 24.07 -1.71 -19.77
N ALA B 206 23.40 -1.78 -18.61
CA ALA B 206 22.52 -2.88 -18.28
C ALA B 206 21.32 -2.93 -19.26
N ALA B 207 20.64 -1.80 -19.42
CA ALA B 207 19.60 -1.72 -20.44
C ALA B 207 20.18 -2.13 -21.81
N SER B 208 21.43 -1.70 -22.13
CA SER B 208 21.98 -2.05 -23.44
C SER B 208 22.08 -3.57 -23.55
N VAL B 209 22.62 -4.21 -22.51
CA VAL B 209 22.70 -5.66 -22.47
C VAL B 209 21.31 -6.25 -22.71
N GLY B 210 20.33 -5.70 -22.04
CA GLY B 210 18.95 -6.10 -22.21
C GLY B 210 18.50 -6.09 -23.67
N MET B 211 18.88 -5.02 -24.36
CA MET B 211 18.43 -4.84 -25.73
C MET B 211 19.13 -5.80 -26.64
N HIS B 212 20.36 -6.16 -26.29
CA HIS B 212 20.98 -7.24 -27.02
C HIS B 212 20.29 -8.56 -26.80
N ILE B 213 19.69 -8.78 -25.62
CA ILE B 213 18.94 -10.02 -25.38
C ILE B 213 17.71 -10.05 -26.30
N LEU B 214 17.13 -8.87 -26.53
CA LEU B 214 15.85 -8.77 -27.20
C LEU B 214 15.97 -8.51 -28.69
N SER B 215 17.17 -8.66 -29.23
CA SER B 215 17.40 -8.37 -30.63
C SER B 215 18.15 -9.51 -31.28
N LEU B 216 17.43 -10.27 -32.08
CA LEU B 216 17.95 -11.54 -32.57
C LEU B 216 19.39 -11.53 -33.11
N PRO B 217 19.75 -10.55 -33.96
CA PRO B 217 21.14 -10.55 -34.49
C PRO B 217 22.23 -10.43 -33.42
N SER B 218 21.90 -9.96 -32.21
CA SER B 218 22.90 -9.94 -31.14
C SER B 218 23.07 -11.27 -30.48
N ARG B 219 22.00 -12.08 -30.49
CA ARG B 219 21.91 -13.29 -29.68
C ARG B 219 22.93 -14.31 -30.04
N SER B 220 23.42 -14.27 -31.26
CA SER B 220 24.40 -15.27 -31.63
C SER B 220 25.81 -14.84 -31.22
N LEU B 221 25.94 -13.71 -30.54
CA LEU B 221 27.23 -13.12 -30.22
C LEU B 221 27.60 -13.21 -28.73
N PHE B 222 26.69 -13.70 -27.90
CA PHE B 222 27.00 -13.88 -26.48
C PHE B 222 26.17 -15.03 -25.94
N HIS B 223 26.50 -15.53 -24.77
CA HIS B 223 25.78 -16.67 -24.24
C HIS B 223 25.07 -16.39 -22.93
N ARG B 224 25.48 -15.34 -22.21
CA ARG B 224 24.98 -15.09 -20.86
C ARG B 224 25.01 -13.60 -20.58
N ALA B 225 24.32 -13.15 -19.55
CA ALA B 225 24.19 -11.72 -19.39
C ALA B 225 24.00 -11.32 -17.95
N VAL B 226 24.57 -10.17 -17.61
CA VAL B 226 24.47 -9.60 -16.29
C VAL B 226 24.00 -8.17 -16.44
N LEU B 227 22.88 -7.85 -15.79
CA LEU B 227 22.30 -6.52 -15.83
C LEU B 227 22.34 -5.93 -14.45
N GLN B 228 23.21 -4.95 -14.25
CA GLN B 228 23.34 -4.34 -12.94
C GLN B 228 22.66 -3.00 -12.93
N SER B 229 21.58 -2.90 -12.15
CA SER B 229 20.82 -1.66 -11.97
C SER B 229 20.34 -1.04 -13.27
N GLY B 230 19.89 -1.84 -14.22
CA GLY B 230 19.30 -1.29 -15.43
C GLY B 230 18.59 -2.35 -16.26
N THR B 231 17.67 -1.93 -17.11
CA THR B 231 16.84 -2.87 -17.88
C THR B 231 16.37 -2.25 -19.18
N PRO B 232 16.06 -3.09 -20.18
CA PRO B 232 15.56 -2.54 -21.45
C PRO B 232 14.14 -2.01 -21.29
N ASN B 233 13.34 -2.62 -20.42
CA ASN B 233 12.01 -2.11 -20.05
C ASN B 233 12.12 -0.92 -19.08
N GLY B 234 10.98 -0.27 -18.81
CA GLY B 234 10.97 0.80 -17.84
C GLY B 234 10.94 2.16 -18.53
N PRO B 235 10.83 3.24 -17.78
CA PRO B 235 10.51 4.60 -18.23
C PRO B 235 11.58 5.36 -19.04
N TRP B 236 12.86 5.05 -18.85
CA TRP B 236 13.91 5.91 -19.36
C TRP B 236 14.74 5.35 -20.51
N ALA B 237 14.68 4.04 -20.71
CA ALA B 237 15.63 3.35 -21.59
C ALA B 237 15.24 3.35 -23.07
N THR B 238 13.97 3.53 -23.38
CA THR B 238 13.55 3.54 -24.78
C THR B 238 12.63 4.70 -25.06
N VAL B 239 12.37 4.92 -26.34
CA VAL B 239 11.52 6.00 -26.79
C VAL B 239 10.83 5.47 -28.03
N SER B 240 9.61 5.95 -28.27
CA SER B 240 8.83 5.52 -29.43
C SER B 240 9.41 6.19 -30.69
N ALA B 241 9.10 5.65 -31.87
CA ALA B 241 9.60 6.22 -33.12
C ALA B 241 9.06 7.64 -33.31
N GLY B 242 7.78 7.81 -33.00
CA GLY B 242 7.15 9.11 -33.03
C GLY B 242 7.85 10.15 -32.15
N GLU B 243 8.02 9.81 -30.89
CA GLU B 243 8.67 10.73 -29.96
C GLU B 243 10.13 11.02 -30.35
N ALA B 244 10.82 10.05 -30.94
CA ALA B 244 12.22 10.29 -31.31
C ALA B 244 12.26 11.28 -32.46
N ARG B 245 11.38 11.09 -33.44
CA ARG B 245 11.28 12.00 -34.58
C ARG B 245 11.06 13.41 -34.08
N ARG B 246 10.19 13.53 -33.09
CA ARG B 246 9.86 14.84 -32.52
C ARG B 246 11.11 15.48 -31.91
N ARG B 247 11.84 14.70 -31.11
CA ARG B 247 13.02 15.25 -30.43
C ARG B 247 14.12 15.61 -31.41
N ALA B 248 14.33 14.76 -32.40
CA ALA B 248 15.34 15.03 -33.42
C ALA B 248 14.98 16.33 -34.15
N THR B 249 13.71 16.49 -34.48
CA THR B 249 13.28 17.66 -35.20
C THR B 249 13.42 18.91 -34.33
N LEU B 250 13.04 18.79 -33.06
CA LEU B 250 13.20 19.91 -32.14
C LEU B 250 14.67 20.32 -32.03
N LEU B 251 15.55 19.33 -32.02
CA LEU B 251 16.95 19.63 -31.84
C LEU B 251 17.50 20.27 -33.09
N ALA B 252 17.02 19.81 -34.23
CA ALA B 252 17.42 20.37 -35.51
C ALA B 252 17.05 21.84 -35.52
N ARG B 253 15.82 22.11 -35.16
CA ARG B 253 15.36 23.49 -35.10
C ARG B 253 16.23 24.30 -34.15
N LEU B 254 16.50 23.75 -32.96
CA LEU B 254 17.30 24.48 -31.97
C LEU B 254 18.68 24.86 -32.50
N VAL B 255 19.20 24.10 -33.47
CA VAL B 255 20.49 24.45 -34.07
C VAL B 255 20.40 25.02 -35.50
N GLY B 256 19.22 25.43 -35.92
CA GLY B 256 19.08 26.08 -37.21
C GLY B 256 19.05 25.22 -38.45
N CYS B 257 18.34 24.10 -38.43
CA CYS B 257 18.33 23.21 -39.59
C CYS B 257 16.91 22.99 -40.14
N ASN B 265 11.98 17.61 -45.00
CA ASN B 265 12.68 16.48 -45.60
C ASN B 265 13.84 15.91 -44.77
N ASP B 266 13.78 14.61 -44.44
CA ASP B 266 14.79 13.99 -43.56
C ASP B 266 16.20 14.30 -44.06
N THR B 267 16.46 13.97 -45.33
CA THR B 267 17.80 14.01 -45.89
C THR B 267 18.46 15.37 -45.72
N GLU B 268 17.70 16.43 -45.92
CA GLU B 268 18.26 17.77 -45.79
C GLU B 268 18.52 18.08 -44.33
N LEU B 269 17.56 17.73 -43.49
CA LEU B 269 17.69 17.96 -42.06
C LEU B 269 18.96 17.29 -41.55
N ILE B 270 19.14 16.04 -41.92
CA ILE B 270 20.28 15.30 -41.46
C ILE B 270 21.56 15.86 -42.06
N ALA B 271 21.50 16.30 -43.32
CA ALA B 271 22.67 16.94 -43.92
C ALA B 271 23.06 18.16 -43.10
N CYS B 272 22.07 18.95 -42.68
CA CYS B 272 22.39 20.15 -41.92
C CYS B 272 23.00 19.84 -40.54
N LEU B 273 22.41 18.87 -39.85
CA LEU B 273 23.00 18.42 -38.58
C LEU B 273 24.45 17.97 -38.76
N ARG B 274 24.72 17.27 -39.86
CA ARG B 274 26.07 16.77 -40.10
C ARG B 274 27.09 17.89 -40.25
N THR B 275 26.62 19.09 -40.61
CA THR B 275 27.51 20.23 -40.74
C THR B 275 27.78 20.90 -39.40
N ARG B 276 27.05 20.50 -38.36
CA ARG B 276 27.27 21.13 -37.06
C ARG B 276 28.48 20.58 -36.27
N PRO B 277 29.28 21.49 -35.68
CA PRO B 277 30.30 21.08 -34.73
C PRO B 277 29.71 20.31 -33.54
N ALA B 278 30.36 19.21 -33.17
CA ALA B 278 29.88 18.35 -32.09
C ALA B 278 29.34 19.14 -30.92
N GLN B 279 30.11 20.13 -30.47
CA GLN B 279 29.76 20.83 -29.24
C GLN B 279 28.44 21.60 -29.35
N ASP B 280 28.01 21.92 -30.58
CA ASP B 280 26.71 22.54 -30.80
C ASP B 280 25.57 21.59 -30.49
N LEU B 281 25.62 20.37 -31.04
CA LEU B 281 24.62 19.33 -30.73
C LEU B 281 24.51 19.11 -29.22
N VAL B 282 25.64 18.88 -28.55
CA VAL B 282 25.65 18.72 -27.09
C VAL B 282 25.06 19.93 -26.37
N ASP B 283 25.38 21.14 -26.84
CA ASP B 283 24.87 22.38 -26.25
C ASP B 283 23.34 22.41 -26.13
N HIS B 284 22.65 21.68 -27.01
CA HIS B 284 21.19 21.76 -27.05
C HIS B 284 20.49 20.44 -26.69
N GLU B 285 21.29 19.40 -26.49
CA GLU B 285 20.80 18.06 -26.14
C GLU B 285 19.72 18.08 -25.07
N TRP B 286 20.05 18.74 -23.97
CA TRP B 286 19.19 18.72 -22.82
C TRP B 286 17.87 19.49 -23.01
N HIS B 287 17.89 20.58 -23.75
CA HIS B 287 16.69 21.41 -23.92
C HIS B 287 15.59 20.75 -24.76
N VAL B 288 15.90 19.66 -25.43
CA VAL B 288 14.90 18.98 -26.23
C VAL B 288 13.80 18.43 -25.32
N LEU B 289 14.19 18.11 -24.09
CA LEU B 289 13.26 17.70 -23.04
C LEU B 289 13.48 18.56 -21.81
N PRO B 290 12.87 19.75 -21.78
CA PRO B 290 12.95 20.58 -20.59
C PRO B 290 12.45 19.81 -19.36
N GLN B 291 13.26 19.86 -18.31
CA GLN B 291 13.05 19.05 -17.12
C GLN B 291 13.99 19.59 -16.04
N GLU B 292 13.64 19.34 -14.78
CA GLU B 292 14.35 19.93 -13.66
C GLU B 292 15.53 19.05 -13.23
N SER B 293 15.44 17.76 -13.55
CA SER B 293 16.45 16.79 -13.11
C SER B 293 17.05 16.00 -14.28
N ILE B 294 17.33 14.72 -14.07
CA ILE B 294 17.98 13.90 -15.10
C ILE B 294 17.28 12.56 -15.32
N PHE B 295 15.99 12.51 -15.03
CA PHE B 295 15.25 11.25 -15.07
C PHE B 295 15.10 10.70 -16.48
N ARG B 296 14.72 11.57 -17.42
CA ARG B 296 14.69 11.20 -18.83
C ARG B 296 15.88 11.81 -19.62
N PHE B 297 16.33 11.13 -20.67
CA PHE B 297 17.23 11.79 -21.62
C PHE B 297 16.63 11.76 -23.01
N SER B 298 16.96 12.76 -23.82
CA SER B 298 16.28 12.97 -25.08
C SER B 298 16.61 11.89 -26.11
N PHE B 299 17.86 11.40 -26.10
CA PHE B 299 18.32 10.47 -27.13
C PHE B 299 18.79 9.14 -26.57
N VAL B 300 17.87 8.20 -26.58
CA VAL B 300 18.10 6.88 -26.04
C VAL B 300 17.65 5.94 -27.14
N PRO B 301 17.77 4.63 -26.94
CA PRO B 301 17.36 3.70 -27.98
C PRO B 301 15.89 3.90 -28.38
N VAL B 302 15.59 3.69 -29.66
CA VAL B 302 14.24 3.89 -30.16
C VAL B 302 13.60 2.57 -30.58
N VAL B 303 12.31 2.42 -30.31
CA VAL B 303 11.59 1.24 -30.76
C VAL B 303 11.40 1.43 -32.24
N ASP B 304 12.37 0.93 -33.02
CA ASP B 304 12.39 1.17 -34.46
C ASP B 304 11.68 0.11 -35.29
N GLY B 305 11.21 -0.96 -34.66
CA GLY B 305 10.71 -2.10 -35.40
C GLY B 305 11.81 -2.79 -36.19
N ASP B 306 13.06 -2.38 -36.00
CA ASP B 306 14.19 -3.06 -36.62
C ASP B 306 15.11 -3.68 -35.56
N PHE B 307 15.99 -2.88 -34.96
CA PHE B 307 16.83 -3.38 -33.87
C PHE B 307 15.90 -3.91 -32.77
N LEU B 308 14.91 -3.13 -32.40
CA LEU B 308 13.88 -3.57 -31.47
C LEU B 308 12.58 -3.73 -32.23
N SER B 309 12.24 -4.98 -32.52
CA SER B 309 11.06 -5.29 -33.32
C SER B 309 9.78 -4.75 -32.67
N ASP B 310 9.76 -4.65 -31.35
CA ASP B 310 8.61 -4.09 -30.65
C ASP B 310 9.12 -3.45 -29.35
N THR B 311 8.23 -2.93 -28.53
CA THR B 311 8.63 -2.37 -27.25
C THR B 311 9.26 -3.46 -26.38
N PRO B 312 10.23 -3.09 -25.53
CA PRO B 312 10.83 -4.09 -24.62
C PRO B 312 9.76 -4.78 -23.77
N GLU B 313 8.76 -4.03 -23.32
CA GLU B 313 7.64 -4.64 -22.62
C GLU B 313 7.03 -5.77 -23.45
N ALA B 314 6.57 -5.46 -24.66
CA ALA B 314 6.01 -6.48 -25.54
C ALA B 314 6.95 -7.66 -25.73
N LEU B 315 8.26 -7.38 -25.87
CA LEU B 315 9.22 -8.41 -26.23
C LEU B 315 9.57 -9.30 -25.07
N ILE B 316 9.59 -8.78 -23.84
CA ILE B 316 9.95 -9.65 -22.72
C ILE B 316 8.76 -10.49 -22.27
N ASN B 317 7.53 -10.02 -22.56
CA ASN B 317 6.33 -10.76 -22.17
C ASN B 317 6.10 -11.97 -23.08
N THR B 318 6.62 -11.90 -24.30
CA THR B 318 6.34 -12.93 -25.27
C THR B 318 7.58 -13.68 -25.68
N GLY B 319 8.72 -13.32 -25.12
CA GLY B 319 9.96 -13.97 -25.52
C GLY B 319 10.11 -15.42 -25.08
N ASP B 320 10.98 -16.15 -25.78
CA ASP B 320 11.38 -17.49 -25.35
C ASP B 320 12.83 -17.44 -24.91
N PHE B 321 13.05 -17.68 -23.62
CA PHE B 321 14.36 -17.47 -23.04
C PHE B 321 14.96 -18.73 -22.49
N GLN B 322 14.50 -19.85 -23.04
CA GLN B 322 14.85 -21.18 -22.58
C GLN B 322 16.35 -21.34 -22.30
N ASP B 323 17.20 -20.99 -23.25
CA ASP B 323 18.61 -21.31 -23.06
C ASP B 323 19.47 -20.14 -22.59
N LEU B 324 18.84 -19.19 -21.91
CA LEU B 324 19.56 -18.01 -21.45
C LEU B 324 19.77 -18.03 -19.94
N GLN B 325 20.99 -17.71 -19.47
CA GLN B 325 21.21 -17.46 -18.05
C GLN B 325 21.48 -15.99 -17.81
N VAL B 326 20.93 -15.45 -16.72
CA VAL B 326 20.98 -14.02 -16.49
C VAL B 326 21.17 -13.77 -15.00
N LEU B 327 22.08 -12.86 -14.69
CA LEU B 327 22.25 -12.37 -13.34
C LEU B 327 21.79 -10.90 -13.32
N VAL B 328 20.94 -10.52 -12.38
CA VAL B 328 20.49 -9.13 -12.32
C VAL B 328 20.43 -8.69 -10.89
N GLY B 329 20.51 -7.39 -10.66
CA GLY B 329 20.49 -6.92 -9.30
C GLY B 329 20.42 -5.42 -9.23
N VAL B 330 20.29 -4.91 -8.00
CA VAL B 330 20.13 -3.50 -7.75
C VAL B 330 21.03 -3.19 -6.55
N VAL B 331 21.30 -1.90 -6.32
CA VAL B 331 22.02 -1.48 -5.14
C VAL B 331 20.97 -1.05 -4.12
N LYS B 332 21.40 -0.79 -2.89
CA LYS B 332 20.47 -0.49 -1.81
C LYS B 332 19.70 0.82 -2.03
N ASP B 333 20.34 1.81 -2.64
CA ASP B 333 19.70 3.13 -2.75
C ASP B 333 19.67 3.67 -4.17
N GLU B 334 18.95 2.98 -5.03
CA GLU B 334 18.87 3.31 -6.46
C GLU B 334 18.50 4.78 -6.76
N GLY B 335 17.68 5.39 -5.91
CA GLY B 335 17.19 6.72 -6.17
C GLY B 335 18.08 7.87 -5.72
N SER B 336 18.96 7.66 -4.75
CA SER B 336 19.59 8.80 -4.09
C SER B 336 20.38 9.68 -5.07
N TYR B 337 21.12 9.05 -5.98
CA TYR B 337 21.92 9.78 -6.96
C TYR B 337 21.16 10.82 -7.76
N PHE B 338 20.01 10.45 -8.30
CA PHE B 338 19.17 11.31 -9.12
C PHE B 338 18.90 12.62 -8.38
N LEU B 339 18.55 12.49 -7.10
CA LEU B 339 17.96 13.64 -6.38
C LEU B 339 18.84 14.91 -6.38
N VAL B 340 20.15 14.76 -6.19
CA VAL B 340 21.02 15.92 -6.15
C VAL B 340 21.09 16.65 -7.49
N TYR B 341 20.50 16.08 -8.53
CA TYR B 341 20.53 16.74 -9.82
C TYR B 341 19.23 17.47 -10.19
N GLY B 342 18.82 18.41 -9.35
CA GLY B 342 17.71 19.27 -9.71
C GLY B 342 16.37 18.99 -9.05
N VAL B 343 16.37 18.16 -8.00
CA VAL B 343 15.19 18.00 -7.19
C VAL B 343 15.30 18.94 -6.01
N PRO B 344 14.47 20.00 -5.99
CA PRO B 344 14.64 20.99 -4.93
C PRO B 344 14.60 20.35 -3.53
N GLY B 345 15.53 20.78 -2.67
CA GLY B 345 15.64 20.30 -1.31
C GLY B 345 16.86 19.42 -1.13
N PHE B 346 17.40 18.93 -2.24
CA PHE B 346 18.47 17.95 -2.16
C PHE B 346 19.77 18.53 -2.63
N SER B 347 20.80 18.31 -1.82
CA SER B 347 22.16 18.61 -2.23
C SER B 347 23.09 17.63 -1.50
N LYS B 348 24.30 17.50 -2.03
CA LYS B 348 25.30 16.64 -1.41
C LYS B 348 25.84 17.26 -0.13
N ASP B 349 25.60 18.56 0.07
CA ASP B 349 26.29 19.31 1.12
C ASP B 349 25.51 19.50 2.45
N ASN B 350 24.22 19.17 2.45
CA ASN B 350 23.47 19.11 3.70
C ASN B 350 22.68 17.79 3.73
N GLU B 351 22.04 17.49 4.84
CA GLU B 351 21.37 16.22 5.02
C GLU B 351 20.08 16.09 4.21
N SER B 352 19.73 17.15 3.50
CA SER B 352 18.58 17.16 2.61
C SER B 352 17.27 16.73 3.29
N LEU B 353 17.04 17.25 4.50
CA LEU B 353 15.77 16.99 5.19
C LEU B 353 14.75 17.86 4.50
N ILE B 354 13.73 17.24 3.89
CA ILE B 354 12.80 18.01 3.08
C ILE B 354 11.41 18.12 3.73
N SER B 355 10.64 19.08 3.24
CA SER B 355 9.26 19.26 3.67
C SER B 355 8.35 18.29 2.95
N ARG B 356 7.09 18.28 3.36
CA ARG B 356 6.07 17.53 2.65
C ARG B 356 5.83 18.13 1.27
N ALA B 357 5.71 19.45 1.21
CA ALA B 357 5.44 20.11 -0.05
C ALA B 357 6.53 19.76 -1.05
N GLN B 358 7.77 19.76 -0.59
CA GLN B 358 8.90 19.47 -1.45
C GLN B 358 8.81 18.04 -1.93
N PHE B 359 8.33 17.16 -1.05
CA PHE B 359 8.15 15.77 -1.41
C PHE B 359 7.15 15.64 -2.55
N LEU B 360 6.04 16.36 -2.46
CA LEU B 360 5.02 16.26 -3.49
C LEU B 360 5.56 16.74 -4.84
N ALA B 361 6.27 17.85 -4.83
CA ALA B 361 6.83 18.38 -6.06
C ALA B 361 7.91 17.45 -6.59
N GLY B 362 8.65 16.82 -5.67
CA GLY B 362 9.65 15.85 -6.04
C GLY B 362 9.06 14.74 -6.88
N VAL B 363 7.84 14.33 -6.52
CA VAL B 363 7.18 13.22 -7.20
C VAL B 363 6.75 13.62 -8.61
N ARG B 364 6.36 14.88 -8.80
CA ARG B 364 6.00 15.33 -10.14
C ARG B 364 7.23 15.32 -11.03
N ILE B 365 8.40 15.48 -10.42
CA ILE B 365 9.62 15.51 -11.21
C ILE B 365 10.15 14.11 -11.51
N GLY B 366 10.08 13.23 -10.50
CA GLY B 366 10.64 11.90 -10.59
C GLY B 366 9.76 10.97 -11.40
N VAL B 367 8.47 11.28 -11.42
CA VAL B 367 7.52 10.55 -12.25
C VAL B 367 6.84 11.51 -13.22
N PRO B 368 7.62 12.06 -14.14
CA PRO B 368 7.16 13.17 -15.02
C PRO B 368 5.92 12.78 -15.82
N GLN B 369 5.74 11.49 -16.02
CA GLN B 369 4.67 10.99 -16.86
C GLN B 369 3.33 10.90 -16.12
N ALA B 370 3.34 11.14 -14.81
CA ALA B 370 2.16 10.91 -13.96
C ALA B 370 1.10 12.00 -13.97
N SER B 371 -0.16 11.59 -14.04
CA SER B 371 -1.29 12.48 -13.87
C SER B 371 -1.41 12.86 -12.41
N ASP B 372 -2.28 13.83 -12.13
CA ASP B 372 -2.52 14.26 -10.76
C ASP B 372 -2.92 13.09 -9.88
N LEU B 373 -3.84 12.28 -10.37
CA LEU B 373 -4.28 11.12 -9.60
C LEU B 373 -3.13 10.12 -9.36
N ALA B 374 -2.41 9.80 -10.43
CA ALA B 374 -1.30 8.89 -10.31
C ALA B 374 -0.25 9.42 -9.33
N ALA B 375 0.06 10.71 -9.43
CA ALA B 375 0.99 11.38 -8.50
C ALA B 375 0.55 11.21 -7.06
N GLU B 376 -0.74 11.40 -6.81
CA GLU B 376 -1.28 11.23 -5.46
C GLU B 376 -1.22 9.79 -4.98
N ALA B 377 -1.47 8.84 -5.89
CA ALA B 377 -1.38 7.44 -5.51
C ALA B 377 0.03 7.17 -5.03
N VAL B 378 1.02 7.72 -5.73
CA VAL B 378 2.40 7.50 -5.36
C VAL B 378 2.65 8.10 -4.00
N VAL B 379 2.34 9.39 -3.86
CA VAL B 379 2.45 10.06 -2.58
C VAL B 379 1.81 9.25 -1.44
N LEU B 380 0.59 8.79 -1.65
CA LEU B 380 -0.13 8.14 -0.57
C LEU B 380 0.48 6.77 -0.24
N HIS B 381 1.10 6.16 -1.24
CA HIS B 381 1.75 4.86 -1.04
C HIS B 381 3.01 5.00 -0.23
N TYR B 382 3.78 6.05 -0.50
CA TYR B 382 5.10 6.19 0.08
C TYR B 382 5.16 7.02 1.35
N THR B 383 4.10 7.77 1.63
CA THR B 383 4.02 8.44 2.90
C THR B 383 3.96 7.39 3.99
N ASP B 384 4.74 7.59 5.05
CA ASP B 384 4.59 6.80 6.26
C ASP B 384 3.55 7.48 7.16
N TRP B 385 2.35 6.90 7.21
CA TRP B 385 1.20 7.55 7.86
C TRP B 385 1.34 7.71 9.38
N LEU B 386 2.32 7.03 9.96
CA LEU B 386 2.64 7.25 11.35
C LEU B 386 3.52 8.48 11.55
N HIS B 387 4.27 8.85 10.51
CA HIS B 387 5.16 10.02 10.54
C HIS B 387 5.06 10.75 9.20
N PRO B 388 3.87 11.31 8.92
CA PRO B 388 3.49 11.91 7.63
C PRO B 388 4.38 13.07 7.22
N GLU B 389 4.95 13.75 8.21
CA GLU B 389 5.66 15.00 7.90
C GLU B 389 7.10 15.01 8.38
N ASP B 390 7.54 13.86 8.89
CA ASP B 390 8.93 13.73 9.28
C ASP B 390 9.84 13.91 8.06
N PRO B 391 10.73 14.91 8.11
CA PRO B 391 11.59 15.28 6.98
C PRO B 391 12.54 14.16 6.59
N THR B 392 13.06 13.42 7.57
CA THR B 392 13.91 12.28 7.28
C THR B 392 13.17 11.20 6.48
N HIS B 393 11.93 10.88 6.90
CA HIS B 393 11.12 9.93 6.17
C HIS B 393 10.84 10.44 4.75
N LEU B 394 10.53 11.72 4.62
CA LEU B 394 10.18 12.28 3.32
C LEU B 394 11.34 12.23 2.34
N ARG B 395 12.53 12.50 2.84
CA ARG B 395 13.72 12.44 2.01
C ARG B 395 13.98 11.01 1.55
N ASP B 396 13.82 10.04 2.45
CA ASP B 396 14.13 8.65 2.14
C ASP B 396 13.07 8.13 1.19
N ALA B 397 11.84 8.59 1.40
CA ALA B 397 10.75 8.17 0.54
C ALA B 397 10.95 8.68 -0.89
N MET B 398 11.30 9.95 -1.03
CA MET B 398 11.61 10.55 -2.33
C MET B 398 12.64 9.72 -3.07
N SER B 399 13.72 9.37 -2.40
CA SER B 399 14.69 8.46 -2.98
C SER B 399 14.06 7.14 -3.45
N ALA B 400 13.19 6.58 -2.63
CA ALA B 400 12.61 5.26 -2.91
C ALA B 400 11.71 5.32 -4.13
N VAL B 401 10.86 6.34 -4.20
CA VAL B 401 9.96 6.53 -5.33
C VAL B 401 10.75 6.46 -6.65
N VAL B 402 11.75 7.31 -6.71
CA VAL B 402 12.58 7.50 -7.88
C VAL B 402 13.39 6.25 -8.24
N GLY B 403 14.00 5.62 -7.25
CA GLY B 403 14.71 4.35 -7.45
C GLY B 403 13.79 3.18 -7.83
N ASP B 404 12.60 3.13 -7.22
CA ASP B 404 11.70 2.01 -7.47
C ASP B 404 11.14 2.09 -8.88
N HIS B 405 10.69 3.29 -9.23
CA HIS B 405 10.09 3.53 -10.52
C HIS B 405 11.10 3.34 -11.65
N ASN B 406 12.37 3.67 -11.42
CA ASN B 406 13.31 3.66 -12.54
C ASN B 406 14.14 2.41 -12.60
N VAL B 407 14.45 1.84 -11.43
CA VAL B 407 15.32 0.68 -11.45
C VAL B 407 14.75 -0.60 -10.80
N VAL B 408 14.50 -0.55 -9.48
CA VAL B 408 14.09 -1.72 -8.69
C VAL B 408 12.86 -2.43 -9.26
N CYS B 409 11.81 -1.68 -9.62
CA CYS B 409 10.65 -2.37 -10.17
C CYS B 409 10.80 -2.82 -11.65
N PRO B 410 11.44 -1.99 -12.49
CA PRO B 410 11.78 -2.55 -13.81
C PRO B 410 12.64 -3.81 -13.71
N VAL B 411 13.62 -3.84 -12.81
CA VAL B 411 14.41 -5.05 -12.60
C VAL B 411 13.54 -6.25 -12.10
N ALA B 412 12.63 -6.02 -11.14
CA ALA B 412 11.83 -7.12 -10.59
C ALA B 412 10.95 -7.71 -11.68
N GLN B 413 10.45 -6.82 -12.51
CA GLN B 413 9.58 -7.22 -13.59
C GLN B 413 10.34 -8.00 -14.69
N LEU B 414 11.55 -7.55 -15.02
CA LEU B 414 12.37 -8.28 -15.97
C LEU B 414 12.70 -9.68 -15.41
N ALA B 415 13.15 -9.72 -14.15
CA ALA B 415 13.52 -10.97 -13.52
C ALA B 415 12.38 -11.97 -13.62
N GLY B 416 11.20 -11.52 -13.22
CA GLY B 416 10.01 -12.34 -13.23
C GLY B 416 9.65 -12.86 -14.61
N ARG B 417 9.69 -12.00 -15.62
CA ARG B 417 9.31 -12.41 -16.98
C ARG B 417 10.33 -13.37 -17.54
N LEU B 418 11.61 -13.07 -17.41
CA LEU B 418 12.63 -14.01 -17.88
C LEU B 418 12.46 -15.38 -17.20
N ALA B 419 12.23 -15.38 -15.90
CA ALA B 419 12.13 -16.65 -15.21
C ALA B 419 10.88 -17.38 -15.68
N ALA B 420 9.76 -16.67 -15.78
CA ALA B 420 8.52 -17.31 -16.20
C ALA B 420 8.68 -17.94 -17.59
N GLN B 421 9.59 -17.39 -18.39
CA GLN B 421 9.63 -17.78 -19.76
C GLN B 421 10.89 -18.51 -20.13
N GLY B 422 11.40 -19.25 -19.16
CA GLY B 422 12.46 -20.21 -19.43
C GLY B 422 13.88 -19.85 -19.03
N ALA B 423 14.18 -18.59 -18.71
CA ALA B 423 15.57 -18.24 -18.39
C ALA B 423 15.98 -18.80 -17.05
N ARG B 424 17.27 -19.01 -16.87
CA ARG B 424 17.76 -19.27 -15.54
C ARG B 424 18.22 -17.91 -15.02
N VAL B 425 17.70 -17.48 -13.87
CA VAL B 425 17.92 -16.12 -13.39
C VAL B 425 18.48 -16.09 -11.96
N TYR B 426 19.49 -15.27 -11.71
CA TYR B 426 19.92 -15.03 -10.34
C TYR B 426 19.82 -13.54 -10.05
N ALA B 427 19.44 -13.21 -8.82
CA ALA B 427 19.12 -11.83 -8.49
C ALA B 427 19.79 -11.45 -7.19
N TYR B 428 20.12 -10.18 -7.07
CA TYR B 428 20.85 -9.72 -5.89
C TYR B 428 20.45 -8.30 -5.53
N ILE B 429 20.71 -7.94 -4.28
CA ILE B 429 20.67 -6.54 -3.88
C ILE B 429 22.03 -6.24 -3.27
N PHE B 430 22.69 -5.20 -3.72
CA PHE B 430 24.04 -4.90 -3.25
C PHE B 430 23.92 -3.83 -2.15
N GLU B 431 24.49 -4.08 -0.97
CA GLU B 431 24.17 -3.26 0.22
C GLU B 431 25.39 -2.67 0.93
N HIS B 432 26.58 -2.89 0.39
CA HIS B 432 27.75 -2.34 1.05
C HIS B 432 28.07 -0.94 0.54
N ARG B 433 28.28 -0.01 1.47
CA ARG B 433 28.68 1.35 1.12
C ARG B 433 30.19 1.47 1.22
N ALA B 434 30.85 1.68 0.08
CA ALA B 434 32.30 1.85 0.06
C ALA B 434 32.76 2.82 1.13
N SER B 435 33.67 2.38 1.97
CA SER B 435 34.29 3.24 2.96
C SER B 435 34.89 4.52 2.36
N THR B 436 35.15 4.53 1.06
CA THR B 436 35.81 5.68 0.42
C THR B 436 34.85 6.60 -0.33
N LEU B 437 33.56 6.35 -0.20
CA LEU B 437 32.57 7.18 -0.87
C LEU B 437 32.71 8.62 -0.43
N THR B 438 32.62 9.55 -1.37
CA THR B 438 32.67 10.97 -1.04
C THR B 438 31.30 11.65 -1.05
N TRP B 439 30.28 10.96 -1.55
CA TRP B 439 28.89 11.41 -1.40
C TRP B 439 28.48 11.30 0.08
N PRO B 440 27.52 12.10 0.50
CA PRO B 440 27.09 12.07 1.91
C PRO B 440 26.40 10.77 2.33
N LEU B 441 26.37 10.53 3.63
CA LEU B 441 25.79 9.33 4.19
C LEU B 441 24.33 9.12 3.78
N TRP B 442 23.56 10.19 3.69
CA TRP B 442 22.12 10.01 3.49
C TRP B 442 21.81 9.34 2.14
N MET B 443 22.79 9.37 1.24
CA MET B 443 22.64 8.75 -0.06
C MET B 443 22.88 7.23 -0.01
N GLY B 444 23.40 6.73 1.10
CA GLY B 444 23.51 5.30 1.28
C GLY B 444 24.42 4.65 0.25
N VAL B 445 23.88 3.68 -0.48
CA VAL B 445 24.63 3.05 -1.56
C VAL B 445 23.99 3.42 -2.89
N PRO B 446 24.52 4.45 -3.56
CA PRO B 446 23.95 5.03 -4.78
C PRO B 446 24.32 4.15 -5.94
N HIS B 447 23.59 4.21 -7.07
CA HIS B 447 23.96 3.31 -8.17
C HIS B 447 25.30 3.65 -8.80
N GLY B 448 26.06 2.61 -9.09
CA GLY B 448 27.33 2.75 -9.76
C GLY B 448 28.42 2.42 -8.77
N TYR B 449 28.10 2.47 -7.48
CA TYR B 449 29.12 2.24 -6.46
C TYR B 449 29.27 0.77 -6.04
N GLU B 450 28.68 -0.13 -6.81
CA GLU B 450 29.00 -1.55 -6.67
C GLU B 450 30.09 -1.91 -7.69
N ILE B 451 30.18 -1.09 -8.74
CA ILE B 451 31.05 -1.45 -9.86
C ILE B 451 32.51 -1.67 -9.48
N GLU B 452 33.07 -0.75 -8.70
CA GLU B 452 34.46 -0.83 -8.31
C GLU B 452 34.77 -2.13 -7.56
N PHE B 453 33.78 -2.66 -6.82
CA PHE B 453 33.95 -3.96 -6.13
C PHE B 453 33.96 -5.16 -7.09
N ILE B 454 33.00 -5.19 -8.01
CA ILE B 454 32.98 -6.23 -9.05
C ILE B 454 34.29 -6.27 -9.85
N PHE B 455 34.91 -5.11 -10.11
CA PHE B 455 36.12 -5.06 -10.95
C PHE B 455 37.37 -5.29 -10.10
N GLY B 456 37.15 -5.35 -8.78
CA GLY B 456 38.22 -5.67 -7.86
C GLY B 456 39.18 -4.55 -7.46
N LEU B 457 38.82 -3.29 -7.68
CA LEU B 457 39.69 -2.20 -7.24
C LEU B 457 40.26 -2.34 -5.80
N PRO B 458 39.45 -2.86 -4.86
CA PRO B 458 39.98 -2.91 -3.49
C PRO B 458 41.18 -3.85 -3.31
N LEU B 459 41.55 -4.57 -4.37
CA LEU B 459 42.75 -5.41 -4.32
C LEU B 459 44.00 -4.57 -4.47
N ASP B 460 43.81 -3.31 -4.87
CA ASP B 460 44.91 -2.37 -4.99
C ASP B 460 45.10 -1.64 -3.66
N PRO B 461 46.21 -1.93 -2.98
CA PRO B 461 46.37 -1.41 -1.62
C PRO B 461 46.43 0.11 -1.61
N SER B 462 46.88 0.70 -2.71
CA SER B 462 47.06 2.14 -2.78
C SER B 462 45.74 2.91 -2.83
N LEU B 463 44.61 2.21 -3.00
CA LEU B 463 43.32 2.90 -3.05
C LEU B 463 42.66 2.96 -1.68
N ASN B 464 43.30 2.37 -0.68
CA ASN B 464 42.90 2.56 0.71
C ASN B 464 41.51 2.03 1.09
N TYR B 465 41.15 0.88 0.52
CA TYR B 465 39.95 0.21 0.97
C TYR B 465 40.26 -0.65 2.20
N THR B 466 39.25 -0.87 3.05
CA THR B 466 39.46 -1.70 4.22
C THR B 466 39.77 -3.11 3.79
N THR B 467 40.42 -3.86 4.66
CA THR B 467 40.79 -5.22 4.34
C THR B 467 39.57 -6.14 4.17
N GLU B 468 38.48 -5.84 4.87
CA GLU B 468 37.25 -6.60 4.64
C GLU B 468 36.72 -6.29 3.22
N GLU B 469 36.88 -5.03 2.81
CA GLU B 469 36.42 -4.62 1.51
C GLU B 469 37.16 -5.40 0.44
N ARG B 470 38.41 -5.75 0.73
CA ARG B 470 39.20 -6.53 -0.20
C ARG B 470 38.67 -7.95 -0.30
N ILE B 471 38.34 -8.55 0.84
CA ILE B 471 37.77 -9.90 0.85
C ILE B 471 36.42 -9.92 0.15
N PHE B 472 35.61 -8.88 0.41
CA PHE B 472 34.35 -8.70 -0.27
C PHE B 472 34.53 -8.64 -1.79
N ALA B 473 35.43 -7.80 -2.26
CA ALA B 473 35.66 -7.70 -3.70
C ALA B 473 36.07 -9.06 -4.26
N GLN B 474 36.90 -9.81 -3.55
CA GLN B 474 37.29 -11.13 -4.03
C GLN B 474 36.09 -12.07 -4.22
N ARG B 475 35.14 -12.01 -3.29
CA ARG B 475 33.94 -12.82 -3.38
C ARG B 475 33.15 -12.46 -4.65
N LEU B 476 32.98 -11.17 -4.89
CA LEU B 476 32.15 -10.72 -6.00
C LEU B 476 32.79 -11.13 -7.31
N MET B 477 34.12 -10.95 -7.42
CA MET B 477 34.80 -11.29 -8.65
C MET B 477 34.62 -12.77 -8.92
N LYS B 478 34.55 -13.56 -7.85
CA LYS B 478 34.23 -14.98 -7.95
C LYS B 478 32.80 -15.24 -8.46
N TYR B 479 31.80 -14.54 -7.89
CA TYR B 479 30.43 -14.77 -8.28
C TYR B 479 30.28 -14.44 -9.76
N TRP B 480 30.75 -13.25 -10.13
CA TRP B 480 30.62 -12.80 -11.51
C TRP B 480 31.36 -13.74 -12.47
N THR B 481 32.60 -14.11 -12.14
CA THR B 481 33.34 -14.97 -13.07
C THR B 481 32.83 -16.42 -13.02
N ASN B 482 32.35 -16.88 -11.87
CA ASN B 482 31.72 -18.22 -11.81
C ASN B 482 30.51 -18.24 -12.71
N PHE B 483 29.75 -17.15 -12.66
CA PHE B 483 28.62 -17.02 -13.53
C PHE B 483 29.05 -17.00 -15.01
N ALA B 484 30.17 -16.36 -15.32
CA ALA B 484 30.57 -16.26 -16.73
C ALA B 484 31.00 -17.64 -17.20
N ARG B 485 31.70 -18.36 -16.33
CA ARG B 485 32.17 -19.70 -16.67
C ARG B 485 31.05 -20.68 -16.93
N THR B 486 29.98 -20.60 -16.13
CA THR B 486 29.10 -21.75 -15.98
C THR B 486 27.63 -21.39 -16.00
N GLY B 487 27.30 -20.09 -16.00
CA GLY B 487 25.91 -19.71 -15.95
C GLY B 487 25.37 -19.76 -14.52
N ASP B 488 26.27 -20.02 -13.56
CA ASP B 488 25.87 -20.19 -12.16
C ASP B 488 26.90 -19.53 -11.26
N PRO B 489 26.48 -18.52 -10.46
CA PRO B 489 27.45 -17.78 -9.63
C PRO B 489 28.02 -18.56 -8.43
N ASN B 490 27.49 -19.73 -8.12
CA ASN B 490 27.95 -20.47 -6.94
C ASN B 490 29.30 -21.11 -7.18
N ASP B 491 30.17 -21.08 -6.17
CA ASP B 491 31.50 -21.69 -6.28
C ASP B 491 31.35 -23.21 -6.39
N PRO B 492 31.86 -23.80 -7.48
CA PRO B 492 31.70 -25.23 -7.79
C PRO B 492 32.41 -26.12 -6.78
N PRO B 498 26.17 -20.18 2.25
CA PRO B 498 24.93 -20.79 1.75
C PRO B 498 24.87 -20.56 0.26
N GLN B 499 24.08 -21.37 -0.44
CA GLN B 499 24.05 -21.31 -1.88
C GLN B 499 23.22 -20.11 -2.35
N TRP B 500 23.57 -19.55 -3.51
CA TRP B 500 22.72 -18.53 -4.15
C TRP B 500 21.67 -19.28 -5.02
N PRO B 501 20.38 -19.25 -4.63
CA PRO B 501 19.36 -19.93 -5.42
C PRO B 501 18.89 -19.10 -6.62
N PRO B 502 18.46 -19.78 -7.68
CA PRO B 502 17.90 -19.12 -8.86
C PRO B 502 16.70 -18.32 -8.43
N TYR B 503 16.49 -17.16 -9.04
CA TYR B 503 15.26 -16.41 -8.82
C TYR B 503 14.16 -17.08 -9.65
N THR B 504 12.99 -17.27 -9.06
CA THR B 504 11.83 -17.86 -9.74
C THR B 504 10.58 -17.04 -9.42
N THR B 505 9.53 -17.24 -10.20
CA THR B 505 8.31 -16.47 -9.96
C THR B 505 7.60 -16.99 -8.69
N ALA B 506 7.66 -18.31 -8.47
CA ALA B 506 7.12 -18.94 -7.27
C ALA B 506 7.77 -18.41 -5.98
N ALA B 507 9.08 -18.63 -5.85
CA ALA B 507 9.73 -18.37 -4.58
C ALA B 507 10.35 -16.98 -4.48
N GLN B 508 10.73 -16.40 -5.61
CA GLN B 508 11.22 -15.02 -5.65
C GLN B 508 12.51 -14.76 -4.84
N GLN B 509 13.35 -15.79 -4.72
CA GLN B 509 14.59 -15.64 -3.97
C GLN B 509 15.68 -14.80 -4.64
N TYR B 510 16.25 -13.91 -3.86
CA TYR B 510 17.45 -13.20 -4.26
C TYR B 510 18.39 -13.14 -3.05
N VAL B 511 19.58 -12.58 -3.22
CA VAL B 511 20.55 -12.62 -2.12
C VAL B 511 21.06 -11.21 -1.89
N SER B 512 21.43 -10.93 -0.63
CA SER B 512 22.03 -9.67 -0.30
C SER B 512 23.55 -9.77 -0.41
N LEU B 513 24.14 -8.86 -1.15
CA LEU B 513 25.58 -8.85 -1.28
C LEU B 513 26.04 -7.73 -0.38
N ASN B 514 26.81 -8.08 0.65
CA ASN B 514 27.36 -7.11 1.58
C ASN B 514 28.43 -7.86 2.36
N LEU B 515 28.93 -7.28 3.45
CA LEU B 515 30.11 -7.86 4.08
C LEU B 515 29.79 -9.19 4.77
N LYS B 516 28.57 -9.30 5.27
CA LYS B 516 28.08 -10.55 5.84
C LYS B 516 27.99 -11.63 4.77
N PRO B 517 28.04 -12.90 5.18
CA PRO B 517 27.89 -13.99 4.22
C PRO B 517 26.54 -13.92 3.49
N LEU B 518 26.43 -14.46 2.28
CA LEU B 518 25.16 -14.47 1.53
C LEU B 518 23.94 -14.73 2.40
N GLU B 519 22.97 -13.86 2.30
CA GLU B 519 21.68 -14.12 2.93
C GLU B 519 20.62 -14.23 1.84
N VAL B 520 19.78 -15.25 1.90
CA VAL B 520 18.72 -15.42 0.92
C VAL B 520 17.43 -14.73 1.38
N ARG B 521 16.86 -13.88 0.54
CA ARG B 521 15.62 -13.16 0.84
C ARG B 521 14.56 -13.48 -0.21
N ARG B 522 13.30 -13.21 0.09
CA ARG B 522 12.27 -13.51 -0.89
C ARG B 522 11.47 -12.26 -1.16
N GLY B 523 11.26 -11.99 -2.44
CA GLY B 523 10.38 -10.91 -2.86
C GLY B 523 11.19 -9.65 -2.94
N LEU B 524 11.34 -9.14 -4.15
CA LEU B 524 12.11 -7.94 -4.38
C LEU B 524 11.17 -6.75 -4.38
N ARG B 525 11.00 -6.10 -3.24
CA ARG B 525 10.01 -5.02 -3.09
C ARG B 525 8.65 -5.42 -3.66
N ALA B 526 8.18 -6.60 -3.30
CA ALA B 526 7.05 -7.20 -3.99
C ALA B 526 5.77 -6.36 -3.97
N GLN B 527 5.35 -5.91 -2.77
CA GLN B 527 4.13 -5.10 -2.63
C GLN B 527 4.23 -3.81 -3.45
N THR B 528 5.36 -3.13 -3.27
CA THR B 528 5.58 -1.85 -3.90
C THR B 528 5.71 -2.00 -5.43
N CYS B 529 6.36 -3.06 -5.88
CA CYS B 529 6.51 -3.22 -7.32
C CYS B 529 5.21 -3.66 -7.96
N ALA B 530 4.33 -4.28 -7.17
CA ALA B 530 2.99 -4.58 -7.68
C ALA B 530 2.25 -3.27 -7.93
N PHE B 531 2.56 -2.28 -7.11
CA PHE B 531 1.95 -0.97 -7.23
C PHE B 531 2.37 -0.33 -8.56
N TRP B 532 3.67 -0.30 -8.80
CA TRP B 532 4.20 0.23 -10.07
C TRP B 532 3.87 -0.63 -11.27
N ASN B 533 4.02 -1.95 -11.14
CA ASN B 533 3.91 -2.81 -12.32
C ASN B 533 2.50 -3.25 -12.66
N ARG B 534 1.65 -3.36 -11.65
CA ARG B 534 0.27 -3.76 -11.93
C ARG B 534 -0.72 -2.62 -11.82
N PHE B 535 -0.58 -1.76 -10.82
CA PHE B 535 -1.64 -0.80 -10.62
C PHE B 535 -1.47 0.47 -11.41
N LEU B 536 -0.37 1.17 -11.23
CA LEU B 536 -0.15 2.43 -11.95
C LEU B 536 -0.54 2.44 -13.43
N PRO B 537 -0.06 1.45 -14.22
CA PRO B 537 -0.47 1.30 -15.61
C PRO B 537 -1.98 1.50 -15.79
N LYS B 538 -2.79 0.74 -15.06
CA LYS B 538 -4.25 0.84 -15.19
C LYS B 538 -4.73 2.23 -14.90
N LEU B 539 -3.96 2.95 -14.10
CA LEU B 539 -4.37 4.26 -13.67
C LEU B 539 -3.99 5.31 -14.70
C1 NAG C . -17.23 -24.69 2.66
C2 NAG C . -16.66 -24.95 1.24
C3 NAG C . -17.31 -24.10 0.14
C4 NAG C . -18.82 -24.17 0.24
C5 NAG C . -19.24 -23.68 1.62
C6 NAG C . -20.77 -23.70 1.73
C7 NAG C . -14.31 -25.40 1.69
C8 NAG C . -12.92 -24.86 1.74
N2 NAG C . -15.27 -24.53 1.34
O3 NAG C . -16.95 -24.59 -1.17
O4 NAG C . -19.41 -23.38 -0.80
O5 NAG C . -18.64 -24.45 2.68
O6 NAG C . -21.33 -25.02 1.65
O7 NAG C . -14.56 -26.57 1.93
C1 HBP D . -26.08 -11.19 10.91
C5 HBP D . -27.91 -11.28 9.20
O10 HBP D . -21.85 -8.59 10.55
N9 HBP D . -22.65 -9.06 11.62
C8A HBP D . -23.68 -9.76 11.40
C7 HBP D . -24.51 -10.23 12.53
C6 HBP D . -24.10 -9.98 13.84
C4 HBP D . -26.04 -11.10 14.65
C3 HBP D . -26.42 -11.34 13.33
N2 HBP D . -25.65 -10.92 12.30
C2 HBP D . -27.58 -11.02 10.67
C5A HBP D . -24.87 -10.41 14.91
C8 HBP D . -29.29 -11.89 9.02
C11 HBP D . -29.80 -11.66 7.60
C14 HBP D . -29.64 -10.19 7.25
C17 HBP D . -30.29 -9.71 5.94
N20 HBP D . -31.28 -10.64 5.38
C21 HBP D . -30.88 -11.65 4.61
C22 HBP D . -31.83 -12.52 4.07
C23 HBP D . -33.17 -12.35 4.33
C24 HBP D . -33.56 -11.29 5.13
C25 HBP D . -32.58 -10.45 5.64
C26 HBP D . -33.02 -9.33 6.50
N27 HBP D . -33.57 -8.31 6.01
O28 HBP D . -33.95 -7.32 6.90
O1 P6G E . 2.24 0.94 1.36
C2 P6G E . 0.94 1.02 1.06
C3 P6G E . 0.31 2.17 1.29
O4 P6G E . -1.10 2.35 0.99
C5 P6G E . -1.68 3.68 1.15
C6 P6G E . -2.18 4.38 0.14
O7 P6G E . -2.18 3.85 -1.22
C8 P6G E . -2.54 4.67 -2.36
C9 P6G E . -2.85 4.06 -3.49
O10 P6G E . -2.85 2.60 -3.59
C11 P6G E . -3.12 2.03 -4.86
C12 P6G E . -3.46 0.55 -4.74
O13 P6G E . -2.31 -0.27 -4.51
C14 P6G E . -2.22 -1.57 -5.16
C15 P6G E . -1.21 -2.39 -4.92
O16 P6G E . -0.17 -1.96 -4.00
C17 P6G E . -0.33 -1.88 -2.56
C18 P6G E . 0.60 -2.39 -1.75
O19 P6G E . 0.43 -2.30 -0.43
C1 HBP F . 24.58 12.34 -13.18
C5 HBP F . 24.10 14.27 -14.71
O10 HBP F . 21.45 8.95 -11.48
N9 HBP F . 22.84 8.99 -11.66
C8A HBP F . 23.39 10.00 -12.18
C7 HBP F . 24.85 10.06 -12.39
C6 HBP F . 25.61 8.94 -12.08
C4 HBP F . 27.55 10.13 -12.77
C3 HBP F . 26.74 11.23 -13.06
N2 HBP F . 25.41 11.18 -12.87
C2 HBP F . 24.93 13.00 -14.52
C5A HBP F . 26.98 8.97 -12.28
C8 HBP F . 24.84 15.39 -15.43
C11 HBP F . 23.84 16.29 -16.16
C14 HBP F . 22.95 15.46 -17.09
C17 HBP F . 21.98 16.25 -17.96
N20 HBP F . 22.37 17.65 -18.19
C21 HBP F . 22.08 18.59 -17.29
C22 HBP F . 22.44 19.93 -17.50
C23 HBP F . 23.10 20.30 -18.67
C24 HBP F . 23.38 19.31 -19.58
C25 HBP F . 23.01 17.99 -19.34
C26 HBP F . 23.34 16.98 -20.35
N27 HBP F . 22.90 17.10 -21.52
O28 HBP F . 23.24 16.14 -22.48
#